data_3NIE
#
_entry.id   3NIE
#
_cell.length_a   63.388
_cell.length_b   107.355
_cell.length_c   70.787
_cell.angle_alpha   90.000
_cell.angle_beta   109.650
_cell.angle_gamma   90.000
#
_symmetry.space_group_name_H-M   'P 1 21 1'
#
loop_
_entity.id
_entity.type
_entity.pdbx_description
1 polymer 'MAP2 kinase'
2 non-polymer 'PHOSPHOAMINOPHOSPHONIC ACID-ADENYLATE ESTER'
3 water water
#
_entity_poly.entity_id   1
_entity_poly.type   'polypeptide(L)'
_entity_poly.pdbx_seq_one_letter_code
;MHHHHHHSSGRENLYFQGAIIKNVKVPDNYEIKHLIGRGSYGYVYLAYDKNANKNVAIKKVNRMFEDLIDCKRILREITI
LNRLKSDYIIRLHDLIIPEDLLKFDELYIVLEIADSDLKKLFKTPIFLTEQHVKTILYNLLLGEKFIHESGIIHRDLKPA
NCLLNQDCSVKICDFGLARTINSDKDIHIVNDLEEKEENEEPGPHNKNLKKQLTSHVVTRWYRAPELILLQENYTNSIDI
WSTGCIFAELLNMMKSHINNPTNRFPLFPGSSCFPLSPDHNSKKVHEKSNRDQLNIIFNVIGTPPEEDLKCITKQEVIKY
IKLFPTRDGIDLSKKYSSISKEGIDLLESMLRFNAQKRITIDKALSHPYLKDVRKENLENFSTEKIILPFDDWMVLSETQ
LRYIFLKEIQSFHADLIIPAKLNIHQKSF
;
_entity_poly.pdbx_strand_id   A,B
#
# COMPACT_ATOMS: atom_id res chain seq x y z
N LEU A 14 -7.21 24.57 9.48
CA LEU A 14 -7.18 24.68 7.99
C LEU A 14 -5.74 24.64 7.43
N TYR A 15 -5.05 23.53 7.68
CA TYR A 15 -3.69 23.31 7.17
C TYR A 15 -3.59 23.07 5.66
N PHE A 16 -2.46 23.48 5.07
CA PHE A 16 -2.17 23.24 3.66
C PHE A 16 -1.38 21.94 3.50
N GLN A 17 -1.86 21.06 2.62
CA GLN A 17 -1.17 19.79 2.36
C GLN A 17 0.17 20.07 1.65
N GLY A 18 0.25 21.20 0.94
CA GLY A 18 1.52 21.69 0.38
C GLY A 18 2.53 22.16 1.44
N ALA A 19 2.26 21.88 2.71
CA ALA A 19 3.23 22.04 3.80
C ALA A 19 3.98 20.73 4.11
N ILE A 20 4.08 19.85 3.12
CA ILE A 20 4.94 18.67 3.18
C ILE A 20 6.37 19.08 2.84
N ILE A 21 6.50 20.16 2.08
CA ILE A 21 7.78 20.79 1.73
C ILE A 21 8.47 21.44 2.94
N LYS A 22 7.72 21.66 4.02
CA LYS A 22 8.20 22.49 5.15
C LYS A 22 9.43 21.92 5.84
N ASN A 23 9.34 20.66 6.25
CA ASN A 23 10.41 20.01 7.00
C ASN A 23 11.75 19.86 6.24
N VAL A 24 11.79 20.19 4.96
CA VAL A 24 12.97 19.97 4.16
C VAL A 24 13.80 21.26 4.08
N LYS A 25 14.92 21.27 4.82
CA LYS A 25 15.83 22.41 4.85
C LYS A 25 17.14 22.03 4.20
N VAL A 26 17.43 22.63 3.05
CA VAL A 26 18.57 22.26 2.22
C VAL A 26 19.22 23.48 1.58
N PRO A 27 20.54 23.42 1.33
CA PRO A 27 21.26 24.56 0.77
C PRO A 27 20.50 25.23 -0.36
N ASP A 28 20.65 26.54 -0.46
CA ASP A 28 19.79 27.36 -1.32
C ASP A 28 19.86 27.03 -2.81
N ASN A 29 20.90 26.31 -3.24
CA ASN A 29 20.99 25.90 -4.64
C ASN A 29 19.99 24.80 -5.05
N TYR A 30 19.45 24.10 -4.06
CA TYR A 30 18.41 23.09 -4.28
C TYR A 30 17.03 23.71 -4.06
N GLU A 31 16.18 23.72 -5.09
CA GLU A 31 14.79 24.16 -4.95
C GLU A 31 13.86 22.95 -4.79
N ILE A 32 13.34 22.75 -3.58
CA ILE A 32 12.42 21.63 -3.33
C ILE A 32 11.13 21.86 -4.10
N LYS A 33 10.75 20.89 -4.93
CA LYS A 33 9.56 21.00 -5.73
C LYS A 33 8.40 20.29 -5.04
N HIS A 34 8.51 18.98 -4.83
CA HIS A 34 7.44 18.24 -4.11
C HIS A 34 7.82 16.82 -3.73
N LEU A 35 6.94 16.18 -2.97
CA LEU A 35 7.15 14.81 -2.52
C LEU A 35 6.91 13.82 -3.64
N ILE A 36 7.80 12.85 -3.74
CA ILE A 36 7.79 11.87 -4.81
C ILE A 36 7.63 10.43 -4.35
N GLY A 37 7.99 10.14 -3.12
CA GLY A 37 8.07 8.79 -2.66
C GLY A 37 8.52 8.66 -1.25
N ARG A 38 8.30 7.47 -0.70
CA ARG A 38 8.44 7.19 0.71
C ARG A 38 8.66 5.69 0.88
N GLY A 39 9.45 5.31 1.89
CA GLY A 39 9.67 3.91 2.18
C GLY A 39 9.55 3.78 3.66
N SER A 40 10.14 2.74 4.24
CA SER A 40 10.13 2.57 5.68
C SER A 40 11.14 3.45 6.41
N TYR A 41 12.02 4.13 5.69
CA TYR A 41 13.07 4.88 6.35
C TYR A 41 13.15 6.31 5.89
N GLY A 42 12.82 6.58 4.64
CA GLY A 42 13.05 7.89 4.07
C GLY A 42 11.85 8.41 3.34
N TYR A 43 11.78 9.74 3.24
CA TYR A 43 10.85 10.42 2.38
C TYR A 43 11.71 11.08 1.33
N VAL A 44 11.34 10.96 0.06
CA VAL A 44 12.17 11.52 -0.99
C VAL A 44 11.41 12.48 -1.88
N TYR A 45 12.12 13.52 -2.33
CA TYR A 45 11.51 14.75 -2.82
C TYR A 45 12.14 15.12 -4.14
N LEU A 46 11.33 15.59 -5.07
CA LEU A 46 11.85 16.20 -6.28
C LEU A 46 12.40 17.58 -5.94
N ALA A 47 13.58 17.88 -6.46
CA ALA A 47 14.18 19.18 -6.30
C ALA A 47 14.99 19.52 -7.54
N TYR A 48 15.06 20.81 -7.87
CA TYR A 48 15.90 21.29 -9.00
C TYR A 48 17.22 21.85 -8.47
N ASP A 49 18.34 21.48 -9.10
CA ASP A 49 19.68 21.94 -8.71
C ASP A 49 20.17 23.06 -9.63
N LYS A 50 20.20 24.29 -9.13
CA LYS A 50 20.66 25.44 -9.94
C LYS A 50 22.12 25.27 -10.42
N ASN A 51 22.99 24.77 -9.54
CA ASN A 51 24.41 24.65 -9.86
C ASN A 51 24.71 23.63 -10.96
N ALA A 52 23.95 22.52 -11.00
CA ALA A 52 24.14 21.47 -12.00
C ALA A 52 23.21 21.60 -13.21
N ASN A 53 22.15 22.38 -13.08
CA ASN A 53 21.17 22.57 -14.18
C ASN A 53 20.22 21.38 -14.40
N LYS A 54 20.01 20.56 -13.37
CA LYS A 54 19.24 19.32 -13.48
C LYS A 54 18.30 19.08 -12.28
N ASN A 55 17.24 18.29 -12.52
CA ASN A 55 16.40 17.74 -11.46
C ASN A 55 17.17 16.64 -10.71
N VAL A 56 16.99 16.58 -9.40
CA VAL A 56 17.52 15.51 -8.56
C VAL A 56 16.44 15.01 -7.59
N ALA A 57 16.74 13.90 -6.92
CA ALA A 57 15.92 13.37 -5.82
C ALA A 57 16.65 13.57 -4.52
N ILE A 58 15.94 13.96 -3.48
CA ILE A 58 16.52 14.19 -2.15
C ILE A 58 15.83 13.30 -1.11
N LYS A 59 16.53 12.27 -0.64
CA LYS A 59 16.00 11.39 0.40
C LYS A 59 16.36 11.98 1.74
N LYS A 60 15.36 12.25 2.58
CA LYS A 60 15.60 12.68 3.94
C LYS A 60 15.36 11.51 4.89
N VAL A 61 16.35 11.22 5.73
CA VAL A 61 16.19 10.20 6.76
C VAL A 61 16.27 10.82 8.15
N ASN A 62 15.27 10.51 8.98
CA ASN A 62 15.16 11.04 10.33
C ASN A 62 15.53 10.07 11.43
N ARG A 63 15.77 10.62 12.63
CA ARG A 63 15.93 9.82 13.81
C ARG A 63 16.99 8.76 13.58
N MET A 64 18.15 9.18 13.08
CA MET A 64 19.09 8.22 12.54
C MET A 64 20.14 7.63 13.48
N PHE A 65 20.23 8.10 14.72
CA PHE A 65 21.08 7.42 15.72
C PHE A 65 20.32 6.69 16.87
N GLU A 66 18.99 6.84 16.94
CA GLU A 66 18.16 6.05 17.88
C GLU A 66 18.59 4.58 17.89
N ASP A 67 18.42 3.91 16.76
CA ASP A 67 18.79 2.50 16.62
C ASP A 67 20.04 2.44 15.78
N LEU A 68 21.06 1.73 16.29
CA LEU A 68 22.35 1.75 15.60
C LEU A 68 22.43 0.75 14.45
N ILE A 69 21.56 -0.25 14.46
CA ILE A 69 21.40 -1.14 13.31
C ILE A 69 20.84 -0.35 12.13
N ASP A 70 19.87 0.52 12.40
CA ASP A 70 19.33 1.41 11.38
C ASP A 70 20.37 2.43 10.91
N CYS A 71 21.08 3.02 11.85
CA CYS A 71 22.19 3.90 11.48
C CYS A 71 23.16 3.22 10.49
N LYS A 72 23.59 2.01 10.82
CA LYS A 72 24.54 1.30 9.99
C LYS A 72 23.93 1.07 8.62
N ARG A 73 22.63 0.85 8.60
CA ARG A 73 21.88 0.66 7.36
C ARG A 73 22.09 1.82 6.39
N ILE A 74 21.86 3.05 6.85
CA ILE A 74 21.99 4.24 6.00
C ILE A 74 23.45 4.50 5.62
N LEU A 75 24.39 4.16 6.49
CA LEU A 75 25.80 4.26 6.15
C LEU A 75 26.15 3.30 5.00
N ARG A 76 25.61 2.08 5.09
CA ARG A 76 25.83 1.09 4.05
C ARG A 76 25.25 1.54 2.72
N GLU A 77 24.00 1.97 2.72
CA GLU A 77 23.37 2.54 1.51
C GLU A 77 24.25 3.63 0.89
N ILE A 78 24.74 4.54 1.71
CA ILE A 78 25.49 5.71 1.24
C ILE A 78 26.88 5.36 0.73
N THR A 79 27.59 4.52 1.47
CA THR A 79 28.98 4.14 1.13
C THR A 79 29.04 3.29 -0.14
N ILE A 80 28.12 2.34 -0.26
CA ILE A 80 27.94 1.58 -1.50
C ILE A 80 27.64 2.45 -2.73
N LEU A 81 26.61 3.28 -2.69
CA LEU A 81 26.23 4.09 -3.86
C LEU A 81 27.32 5.07 -4.27
N ASN A 82 28.05 5.55 -3.27
CA ASN A 82 29.16 6.48 -3.50
C ASN A 82 30.32 5.83 -4.23
N ARG A 83 30.43 4.50 -4.15
CA ARG A 83 31.54 3.76 -4.75
C ARG A 83 31.12 2.93 -5.94
N LEU A 84 29.91 3.19 -6.43
CA LEU A 84 29.40 2.50 -7.59
C LEU A 84 29.33 3.51 -8.70
N LYS A 85 29.66 3.05 -9.90
CA LYS A 85 29.75 3.92 -11.05
C LYS A 85 29.19 3.15 -12.22
N SER A 86 27.88 3.29 -12.43
CA SER A 86 27.13 2.54 -13.44
C SER A 86 25.86 3.29 -13.84
N ASP A 87 25.54 3.28 -15.13
CA ASP A 87 24.26 3.81 -15.60
C ASP A 87 23.06 3.01 -15.16
N TYR A 88 23.30 1.85 -14.57
CA TYR A 88 22.24 0.98 -14.08
C TYR A 88 22.06 1.02 -12.56
N ILE A 89 22.87 1.83 -11.89
CA ILE A 89 22.72 2.07 -10.45
C ILE A 89 22.58 3.54 -10.24
N ILE A 90 21.71 3.94 -9.32
CA ILE A 90 21.37 5.34 -9.19
C ILE A 90 22.59 6.09 -8.65
N ARG A 91 22.83 7.27 -9.18
CA ARG A 91 24.02 8.04 -8.83
C ARG A 91 23.85 8.79 -7.52
N LEU A 92 24.93 8.85 -6.75
CA LEU A 92 24.95 9.65 -5.54
C LEU A 92 25.43 11.06 -5.94
N HIS A 93 24.47 11.97 -6.12
CA HIS A 93 24.72 13.32 -6.62
C HIS A 93 25.40 14.21 -5.58
N ASP A 94 24.97 14.08 -4.31
CA ASP A 94 25.44 14.93 -3.22
C ASP A 94 24.99 14.39 -1.85
N LEU A 95 25.77 14.73 -0.82
CA LEU A 95 25.39 14.55 0.57
C LEU A 95 25.47 15.91 1.26
N ILE A 96 24.36 16.36 1.85
CA ILE A 96 24.29 17.72 2.39
C ILE A 96 24.97 17.79 3.76
N ILE A 97 25.79 18.81 3.98
CA ILE A 97 26.48 18.97 5.25
C ILE A 97 25.46 19.16 6.36
N PRO A 98 25.56 18.36 7.43
CA PRO A 98 24.70 18.65 8.57
C PRO A 98 25.13 19.96 9.26
N GLU A 99 24.19 20.67 9.85
CA GLU A 99 24.51 21.93 10.51
C GLU A 99 25.25 21.67 11.82
N ASP A 100 24.84 20.63 12.53
CA ASP A 100 25.47 20.25 13.77
C ASP A 100 26.32 18.98 13.60
N LEU A 101 27.60 19.17 13.30
CA LEU A 101 28.52 18.07 12.93
C LEU A 101 28.72 17.02 14.02
N LEU A 102 28.44 17.37 15.27
CA LEU A 102 28.66 16.43 16.36
C LEU A 102 27.37 15.76 16.84
N LYS A 103 26.22 16.41 16.62
CA LYS A 103 24.94 15.93 17.18
C LYS A 103 23.76 15.87 16.17
N PHE A 104 24.06 15.87 14.87
CA PHE A 104 23.04 15.75 13.83
C PHE A 104 22.32 14.39 13.87
N ASP A 105 20.99 14.42 13.82
CA ASP A 105 20.19 13.18 13.78
C ASP A 105 19.45 12.98 12.45
N GLU A 106 19.69 13.88 11.51
CA GLU A 106 19.07 13.87 10.19
C GLU A 106 20.14 13.78 9.10
N LEU A 107 19.75 13.42 7.88
CA LEU A 107 20.67 13.37 6.76
C LEU A 107 19.91 13.48 5.47
N TYR A 108 20.40 14.36 4.59
CA TYR A 108 19.82 14.57 3.28
C TYR A 108 20.69 13.95 2.17
N ILE A 109 20.17 12.90 1.54
CA ILE A 109 20.86 12.15 0.51
C ILE A 109 20.31 12.62 -0.83
N VAL A 110 21.17 13.17 -1.68
CA VAL A 110 20.79 13.69 -2.96
C VAL A 110 21.18 12.68 -4.02
N LEU A 111 20.23 12.28 -4.85
CA LEU A 111 20.42 11.23 -5.84
C LEU A 111 20.03 11.68 -7.22
N GLU A 112 20.54 10.97 -8.23
CA GLU A 112 20.04 11.07 -9.58
C GLU A 112 18.54 10.86 -9.54
N ILE A 113 17.81 11.65 -10.32
CA ILE A 113 16.35 11.56 -10.35
C ILE A 113 16.00 10.50 -11.34
N ALA A 114 14.89 9.82 -11.09
CA ALA A 114 14.33 8.89 -12.05
C ALA A 114 12.84 9.22 -12.17
N ASP A 115 12.21 8.79 -13.27
CA ASP A 115 10.82 9.14 -13.54
C ASP A 115 9.89 8.40 -12.62
N SER A 116 10.22 7.15 -12.32
CA SER A 116 9.30 6.29 -11.58
C SER A 116 9.99 5.10 -10.96
N ASP A 117 9.22 4.06 -10.67
CA ASP A 117 9.74 2.86 -10.05
C ASP A 117 8.71 1.77 -10.30
N LEU A 118 9.10 0.52 -10.13
CA LEU A 118 8.27 -0.55 -10.63
C LEU A 118 7.02 -0.71 -9.77
N LYS A 119 7.11 -0.34 -8.48
CA LYS A 119 5.97 -0.39 -7.57
C LYS A 119 4.89 0.61 -7.98
N LYS A 120 5.29 1.81 -8.41
CA LYS A 120 4.36 2.76 -8.96
C LYS A 120 3.75 2.26 -10.27
N LEU A 121 4.58 1.74 -11.17
CA LEU A 121 4.10 1.29 -12.49
C LEU A 121 3.01 0.23 -12.34
N PHE A 122 3.23 -0.67 -11.40
CA PHE A 122 2.35 -1.80 -11.20
C PHE A 122 0.98 -1.35 -10.77
N LYS A 123 0.91 -0.20 -10.10
CA LYS A 123 -0.35 0.41 -9.71
C LYS A 123 -1.02 1.25 -10.80
N THR A 124 -0.26 1.77 -11.76
CA THR A 124 -0.83 2.59 -12.84
C THR A 124 -1.78 1.79 -13.75
N PRO A 125 -2.82 2.43 -14.31
CA PRO A 125 -3.81 1.73 -15.14
C PRO A 125 -3.38 1.58 -16.60
N ILE A 126 -2.09 1.32 -16.82
CA ILE A 126 -1.52 1.20 -18.16
C ILE A 126 -1.16 -0.25 -18.35
N PHE A 127 -1.08 -0.67 -19.61
CA PHE A 127 -0.66 -2.02 -19.96
C PHE A 127 0.66 -1.99 -20.69
N LEU A 128 1.54 -2.92 -20.35
CA LEU A 128 2.78 -3.12 -21.09
C LEU A 128 2.63 -4.21 -22.14
N THR A 129 3.39 -4.06 -23.21
CA THR A 129 3.60 -5.13 -24.19
C THR A 129 4.65 -6.04 -23.63
N GLU A 130 4.80 -7.21 -24.24
CA GLU A 130 5.80 -8.17 -23.78
C GLU A 130 7.23 -7.68 -24.07
N GLN A 131 7.41 -6.85 -25.09
CA GLN A 131 8.73 -6.29 -25.35
C GLN A 131 9.12 -5.36 -24.19
N HIS A 132 8.16 -4.59 -23.69
CA HIS A 132 8.37 -3.76 -22.51
C HIS A 132 8.83 -4.58 -21.32
N VAL A 133 8.06 -5.61 -20.98
CA VAL A 133 8.43 -6.52 -19.90
C VAL A 133 9.88 -7.00 -20.04
N LYS A 134 10.23 -7.45 -21.25
CA LYS A 134 11.55 -7.97 -21.54
C LYS A 134 12.62 -6.89 -21.41
N THR A 135 12.37 -5.75 -22.01
CA THR A 135 13.34 -4.66 -21.96
C THR A 135 13.68 -4.32 -20.53
N ILE A 136 12.64 -4.29 -19.68
CA ILE A 136 12.80 -3.90 -18.27
C ILE A 136 13.53 -4.98 -17.46
N LEU A 137 13.18 -6.25 -17.65
CA LEU A 137 13.84 -7.33 -16.92
C LEU A 137 15.32 -7.41 -17.26
N TYR A 138 15.62 -7.23 -18.54
CA TYR A 138 17.01 -7.29 -19.02
C TYR A 138 17.79 -6.15 -18.37
N ASN A 139 17.24 -4.95 -18.41
CA ASN A 139 17.89 -3.80 -17.78
C ASN A 139 18.15 -4.00 -16.29
N LEU A 140 17.22 -4.68 -15.63
CA LEU A 140 17.36 -5.01 -14.22
C LEU A 140 18.53 -5.97 -14.04
N LEU A 141 18.59 -6.99 -14.88
CA LEU A 141 19.63 -8.02 -14.80
C LEU A 141 21.04 -7.44 -15.08
N LEU A 142 21.14 -6.44 -15.97
CA LEU A 142 22.45 -5.78 -16.23
C LEU A 142 22.91 -5.09 -14.97
N GLY A 143 21.96 -4.51 -14.24
CA GLY A 143 22.28 -3.89 -12.97
C GLY A 143 22.77 -4.92 -11.97
N GLU A 144 22.07 -6.05 -11.88
CA GLU A 144 22.47 -7.05 -10.91
C GLU A 144 23.89 -7.54 -11.27
N LYS A 145 24.17 -7.74 -12.56
CA LYS A 145 25.52 -8.16 -12.98
C LYS A 145 26.59 -7.24 -12.42
N PHE A 146 26.40 -5.93 -12.59
CA PHE A 146 27.34 -4.94 -12.04
C PHE A 146 27.50 -5.04 -10.54
N ILE A 147 26.40 -5.33 -9.86
CA ILE A 147 26.41 -5.53 -8.41
C ILE A 147 27.27 -6.73 -8.08
N HIS A 148 27.10 -7.80 -8.85
CA HIS A 148 27.89 -9.02 -8.66
C HIS A 148 29.36 -8.72 -8.90
N GLU A 149 29.68 -8.14 -10.05
CA GLU A 149 31.08 -7.96 -10.42
C GLU A 149 31.78 -7.02 -9.48
N SER A 150 31.02 -6.20 -8.73
CA SER A 150 31.59 -5.40 -7.64
C SER A 150 31.62 -6.13 -6.32
N GLY A 151 31.20 -7.38 -6.28
CA GLY A 151 31.32 -8.20 -5.07
C GLY A 151 30.32 -7.77 -4.00
N ILE A 152 29.10 -7.49 -4.43
CA ILE A 152 28.03 -7.08 -3.55
C ILE A 152 26.78 -7.94 -3.81
N ILE A 153 26.02 -8.19 -2.77
CA ILE A 153 24.69 -8.77 -2.90
C ILE A 153 23.78 -7.71 -2.32
N HIS A 154 22.80 -7.28 -3.10
CA HIS A 154 21.87 -6.24 -2.69
C HIS A 154 20.99 -6.74 -1.57
N ARG A 155 20.44 -7.93 -1.74
CA ARG A 155 19.77 -8.67 -0.64
C ARG A 155 18.36 -8.21 -0.35
N ASP A 156 17.93 -7.12 -0.98
CA ASP A 156 16.59 -6.61 -0.78
C ASP A 156 15.99 -5.93 -1.99
N LEU A 157 16.15 -6.55 -3.16
CA LEU A 157 15.56 -6.08 -4.40
C LEU A 157 14.03 -6.22 -4.33
N LYS A 158 13.33 -5.17 -4.74
CA LYS A 158 11.88 -5.21 -4.73
C LYS A 158 11.41 -4.08 -5.61
N PRO A 159 10.11 -4.10 -5.99
CA PRO A 159 9.63 -3.11 -6.93
C PRO A 159 9.92 -1.67 -6.51
N ALA A 160 9.93 -1.39 -5.21
CA ALA A 160 10.11 -0.04 -4.74
C ALA A 160 11.53 0.51 -5.04
N ASN A 161 12.52 -0.37 -5.12
CA ASN A 161 13.92 0.08 -5.28
C ASN A 161 14.49 -0.24 -6.64
N CYS A 162 13.60 -0.56 -7.59
CA CYS A 162 13.92 -0.64 -9.02
C CYS A 162 13.31 0.57 -9.70
N LEU A 163 14.07 1.68 -9.76
CA LEU A 163 13.57 2.94 -10.29
C LEU A 163 13.47 2.77 -11.80
N LEU A 164 12.62 3.57 -12.43
CA LEU A 164 12.29 3.41 -13.82
C LEU A 164 12.24 4.77 -14.54
N ASN A 165 12.74 4.79 -15.75
CA ASN A 165 12.62 5.97 -16.62
C ASN A 165 11.76 5.65 -17.84
N GLN A 166 11.20 6.70 -18.43
CA GLN A 166 10.25 6.57 -19.52
C GLN A 166 10.78 5.77 -20.72
N ASP A 167 12.12 5.73 -20.88
CA ASP A 167 12.74 4.91 -21.94
C ASP A 167 12.94 3.45 -21.55
N CYS A 168 12.47 3.05 -20.37
CA CYS A 168 12.51 1.64 -19.91
C CYS A 168 13.78 1.23 -19.17
N SER A 169 14.71 2.18 -19.01
CA SER A 169 15.92 1.94 -18.27
C SER A 169 15.63 1.85 -16.77
N VAL A 170 16.32 0.93 -16.12
CA VAL A 170 16.11 0.61 -14.72
C VAL A 170 17.33 1.05 -13.94
N LYS A 171 17.13 1.73 -12.82
CA LYS A 171 18.22 2.06 -11.93
C LYS A 171 17.96 1.56 -10.50
N ILE A 172 18.86 0.70 -10.03
CA ILE A 172 18.73 0.07 -8.72
C ILE A 172 19.20 1.06 -7.66
N CYS A 173 18.57 1.00 -6.49
CA CYS A 173 18.88 1.87 -5.34
C CYS A 173 18.71 1.09 -4.06
N ASP A 174 18.79 1.78 -2.92
CA ASP A 174 18.40 1.24 -1.64
C ASP A 174 19.28 0.05 -1.13
N PHE A 175 20.61 0.25 -1.13
CA PHE A 175 21.59 -0.81 -0.82
C PHE A 175 21.89 -0.99 0.67
N GLY A 176 21.06 -0.44 1.54
CA GLY A 176 21.25 -0.56 2.99
C GLY A 176 21.21 -1.96 3.59
N LEU A 177 20.66 -2.93 2.88
CA LEU A 177 20.65 -4.34 3.33
C LEU A 177 21.76 -5.17 2.64
N ALA A 178 22.52 -4.55 1.76
CA ALA A 178 23.50 -5.27 0.98
C ALA A 178 24.59 -5.87 1.86
N ARG A 179 25.19 -6.94 1.39
CA ARG A 179 26.33 -7.51 2.06
C ARG A 179 27.39 -7.75 1.02
N THR A 180 28.64 -7.82 1.48
CA THR A 180 29.77 -7.98 0.59
C THR A 180 30.08 -9.46 0.36
N ILE A 181 30.60 -9.77 -0.84
CA ILE A 181 31.05 -11.12 -1.18
C ILE A 181 32.48 -11.32 -0.67
N ASN A 182 32.70 -12.33 0.18
CA ASN A 182 34.02 -12.55 0.83
C ASN A 182 34.70 -13.89 0.49
N THR A 214 14.17 0.29 16.82
CA THR A 214 12.80 0.71 16.51
C THR A 214 12.03 -0.44 15.81
N SER A 215 10.83 -0.13 15.32
CA SER A 215 10.07 -1.05 14.47
C SER A 215 9.61 -0.34 13.18
N HIS A 216 9.70 -1.07 12.07
CA HIS A 216 9.36 -0.55 10.75
C HIS A 216 8.46 -1.50 10.02
N VAL A 217 7.85 -1.00 8.95
CA VAL A 217 7.20 -1.87 7.94
C VAL A 217 8.30 -2.62 7.17
N VAL A 218 8.19 -3.96 7.16
CA VAL A 218 9.19 -4.87 6.61
C VAL A 218 8.54 -5.80 5.57
N THR A 219 8.94 -5.64 4.31
CA THR A 219 8.36 -6.43 3.22
C THR A 219 9.23 -7.66 2.96
N ARG A 220 8.64 -8.83 3.18
CA ARG A 220 9.34 -10.11 3.03
C ARG A 220 8.95 -10.85 1.75
N TRP A 221 8.19 -10.19 0.88
CA TRP A 221 7.57 -10.87 -0.26
C TRP A 221 8.54 -11.26 -1.39
N TYR A 222 9.72 -10.68 -1.38
CA TYR A 222 10.74 -10.89 -2.40
C TYR A 222 11.97 -11.60 -1.84
N ARG A 223 11.88 -12.10 -0.62
CA ARG A 223 13.00 -12.77 0.04
C ARG A 223 13.12 -14.25 -0.33
N ALA A 224 14.33 -14.63 -0.71
CA ALA A 224 14.67 -16.00 -1.05
C ALA A 224 14.43 -16.90 0.13
N PRO A 225 14.14 -18.19 -0.13
CA PRO A 225 13.88 -19.07 1.01
C PRO A 225 15.11 -19.20 1.90
N GLU A 226 16.30 -19.36 1.32
CA GLU A 226 17.50 -19.48 2.17
C GLU A 226 17.59 -18.32 3.16
N LEU A 227 17.21 -17.12 2.72
CA LEU A 227 17.24 -15.94 3.55
C LEU A 227 16.15 -15.98 4.58
N ILE A 228 14.91 -16.20 4.13
CA ILE A 228 13.80 -16.50 5.04
C ILE A 228 14.27 -17.50 6.08
N LEU A 229 14.93 -18.56 5.64
CA LEU A 229 15.39 -19.62 6.56
C LEU A 229 16.68 -19.30 7.34
N LEU A 230 17.27 -18.13 7.08
CA LEU A 230 18.39 -17.60 7.86
C LEU A 230 19.64 -18.48 7.78
N GLN A 231 19.94 -19.01 6.61
CA GLN A 231 21.10 -19.87 6.48
C GLN A 231 22.41 -19.06 6.50
N GLU A 232 23.48 -19.72 6.96
CA GLU A 232 24.76 -19.07 7.22
C GLU A 232 25.19 -18.23 6.04
N ASN A 233 25.39 -18.90 4.90
CA ASN A 233 25.95 -18.29 3.69
C ASN A 233 24.90 -18.18 2.59
N TYR A 234 25.17 -17.33 1.61
CA TYR A 234 24.32 -17.16 0.43
C TYR A 234 25.05 -16.37 -0.66
N THR A 235 24.63 -16.57 -1.90
CA THR A 235 25.30 -16.01 -3.06
C THR A 235 24.44 -14.92 -3.69
N ASN A 236 24.79 -14.45 -4.88
CA ASN A 236 23.93 -13.50 -5.59
C ASN A 236 22.59 -14.12 -6.05
N SER A 237 22.45 -15.44 -5.91
CA SER A 237 21.24 -16.13 -6.32
C SER A 237 20.04 -15.57 -5.59
N ILE A 238 20.33 -15.01 -4.43
CA ILE A 238 19.38 -14.32 -3.60
C ILE A 238 18.70 -13.14 -4.33
N ASP A 239 19.47 -12.41 -5.13
CA ASP A 239 18.94 -11.32 -5.96
C ASP A 239 18.21 -11.82 -7.20
N ILE A 240 18.61 -12.99 -7.72
CA ILE A 240 17.85 -13.61 -8.80
C ILE A 240 16.47 -14.03 -8.33
N TRP A 241 16.37 -14.59 -7.13
CA TRP A 241 15.05 -14.93 -6.63
C TRP A 241 14.16 -13.67 -6.63
N SER A 242 14.67 -12.60 -6.04
CA SER A 242 13.92 -11.35 -5.98
C SER A 242 13.52 -10.90 -7.38
N THR A 243 14.42 -11.12 -8.33
CA THR A 243 14.15 -10.77 -9.72
C THR A 243 13.00 -11.57 -10.29
N GLY A 244 12.89 -12.82 -9.86
CA GLY A 244 11.81 -13.68 -10.32
C GLY A 244 10.48 -13.15 -9.86
N CYS A 245 10.39 -12.81 -8.58
CA CYS A 245 9.22 -12.17 -8.02
C CYS A 245 8.80 -10.92 -8.79
N ILE A 246 9.78 -10.08 -9.11
CA ILE A 246 9.53 -8.85 -9.84
C ILE A 246 9.04 -9.13 -11.24
N PHE A 247 9.60 -10.18 -11.85
CA PHE A 247 9.25 -10.60 -13.20
C PHE A 247 7.78 -11.02 -13.20
N ALA A 248 7.35 -11.80 -12.22
CA ALA A 248 5.93 -12.17 -12.15
C ALA A 248 5.04 -10.90 -12.18
N GLU A 249 5.44 -9.85 -11.46
CA GLU A 249 4.69 -8.60 -11.42
C GLU A 249 4.87 -7.78 -12.71
N LEU A 250 5.94 -8.01 -13.45
CA LEU A 250 6.06 -7.39 -14.77
C LEU A 250 5.12 -8.10 -15.72
N LEU A 251 5.07 -9.42 -15.62
CA LEU A 251 4.12 -10.20 -16.40
C LEU A 251 2.65 -9.79 -16.13
N ASN A 252 2.33 -9.39 -14.91
CA ASN A 252 0.95 -8.94 -14.56
C ASN A 252 0.41 -7.77 -15.38
N MET A 253 1.33 -6.98 -15.96
CA MET A 253 1.01 -5.73 -16.68
C MET A 253 0.53 -5.95 -18.09
N MET A 254 0.63 -7.19 -18.58
CA MET A 254 0.12 -7.50 -19.91
C MET A 254 -1.37 -7.73 -19.82
N LYS A 255 -2.16 -7.10 -20.70
N LYS A 255 -2.11 -7.08 -20.73
CA LYS A 255 -3.62 -7.19 -20.59
CA LYS A 255 -3.56 -7.12 -20.82
C LYS A 255 -4.12 -8.61 -20.71
C LYS A 255 -4.10 -8.54 -20.78
N SER A 256 -3.42 -9.44 -21.50
CA SER A 256 -3.86 -10.82 -21.69
C SER A 256 -3.73 -11.69 -20.44
N HIS A 257 -2.87 -11.29 -19.49
CA HIS A 257 -2.77 -12.00 -18.23
C HIS A 257 -3.72 -11.43 -17.22
N ILE A 258 -3.82 -10.10 -17.19
CA ILE A 258 -4.73 -9.41 -16.29
C ILE A 258 -5.44 -8.29 -17.05
N ASN A 259 -6.75 -8.42 -17.22
CA ASN A 259 -7.50 -7.46 -18.03
C ASN A 259 -7.79 -6.18 -17.27
N ASN A 260 -7.80 -6.27 -15.94
CA ASN A 260 -8.13 -5.12 -15.07
C ASN A 260 -6.99 -4.75 -14.12
N PRO A 261 -6.33 -3.58 -14.33
CA PRO A 261 -5.16 -3.14 -13.52
C PRO A 261 -5.36 -3.19 -12.01
N THR A 262 -6.60 -3.00 -11.57
CA THR A 262 -6.94 -3.12 -10.18
C THR A 262 -6.47 -4.45 -9.58
N ASN A 263 -6.31 -5.49 -10.39
CA ASN A 263 -6.15 -6.83 -9.85
C ASN A 263 -4.78 -7.50 -10.08
N ARG A 264 -3.75 -6.67 -10.19
CA ARG A 264 -2.37 -7.13 -10.24
C ARG A 264 -1.85 -7.36 -8.83
N PHE A 265 -1.29 -8.53 -8.57
CA PHE A 265 -0.84 -8.87 -7.21
C PHE A 265 0.60 -9.42 -7.24
N PRO A 266 1.36 -9.23 -6.15
CA PRO A 266 2.63 -9.95 -6.01
C PRO A 266 2.41 -11.46 -5.98
N LEU A 267 3.44 -12.22 -6.35
CA LEU A 267 3.32 -13.68 -6.43
C LEU A 267 3.36 -14.33 -5.06
N PHE A 268 4.06 -13.72 -4.12
CA PHE A 268 4.24 -14.30 -2.80
C PHE A 268 3.83 -13.37 -1.62
N PRO A 269 2.59 -12.86 -1.62
CA PRO A 269 2.22 -11.92 -0.57
C PRO A 269 1.75 -12.62 0.70
N GLY A 270 2.64 -13.39 1.34
CA GLY A 270 2.25 -14.25 2.45
C GLY A 270 2.40 -13.57 3.78
N SER A 271 3.60 -13.04 4.02
CA SER A 271 3.98 -12.41 5.28
C SER A 271 3.19 -11.13 5.49
N SER A 272 2.96 -10.77 6.75
CA SER A 272 2.39 -9.45 7.10
C SER A 272 3.52 -8.46 7.30
N CYS A 273 3.36 -7.27 6.72
CA CYS A 273 4.43 -6.30 6.67
C CYS A 273 4.56 -5.40 7.92
N PHE A 274 3.58 -5.47 8.84
CA PHE A 274 3.58 -4.62 10.05
C PHE A 274 3.98 -5.42 11.29
N PRO A 275 4.75 -4.81 12.20
CA PRO A 275 5.26 -5.48 13.41
C PRO A 275 4.23 -6.27 14.23
N HIS A 286 9.55 -13.60 14.25
CA HIS A 286 10.46 -14.35 13.38
C HIS A 286 9.85 -15.66 12.94
N GLU A 287 9.06 -16.30 13.82
CA GLU A 287 8.52 -17.62 13.52
C GLU A 287 7.35 -17.50 12.57
N LYS A 288 6.29 -16.81 13.00
CA LYS A 288 4.99 -16.81 12.30
C LYS A 288 5.01 -16.09 10.96
N SER A 289 5.60 -14.90 10.93
CA SER A 289 5.69 -14.16 9.66
C SER A 289 6.41 -15.01 8.62
N ASN A 290 7.52 -15.63 9.02
CA ASN A 290 8.31 -16.43 8.10
C ASN A 290 7.64 -17.76 7.74
N ARG A 291 6.81 -18.30 8.64
CA ARG A 291 6.04 -19.51 8.33
C ARG A 291 5.01 -19.23 7.23
N ASP A 292 4.34 -18.09 7.31
CA ASP A 292 3.37 -17.70 6.27
C ASP A 292 4.03 -17.42 4.92
N GLN A 293 5.21 -16.80 4.94
CA GLN A 293 5.95 -16.47 3.72
C GLN A 293 6.45 -17.76 3.11
N LEU A 294 6.92 -18.69 3.95
CA LEU A 294 7.35 -19.99 3.45
C LEU A 294 6.14 -20.80 2.96
N ASN A 295 5.03 -20.71 3.68
CA ASN A 295 3.80 -21.34 3.21
C ASN A 295 3.47 -20.97 1.76
N ILE A 296 3.32 -19.68 1.50
CA ILE A 296 2.89 -19.26 0.17
C ILE A 296 3.91 -19.59 -0.92
N ILE A 297 5.19 -19.62 -0.59
CA ILE A 297 6.18 -20.00 -1.57
C ILE A 297 5.94 -21.45 -2.01
N PHE A 298 5.75 -22.34 -1.05
CA PHE A 298 5.47 -23.74 -1.38
C PHE A 298 4.14 -23.91 -2.13
N ASN A 299 3.12 -23.17 -1.73
CA ASN A 299 1.90 -23.16 -2.52
C ASN A 299 2.08 -22.86 -3.99
N VAL A 300 3.11 -22.09 -4.35
CA VAL A 300 3.36 -21.73 -5.76
C VAL A 300 4.35 -22.66 -6.48
N ILE A 301 5.54 -22.86 -5.91
CA ILE A 301 6.59 -23.66 -6.59
C ILE A 301 6.62 -25.13 -6.12
N GLY A 302 5.96 -25.42 -5.02
CA GLY A 302 5.89 -26.77 -4.47
C GLY A 302 6.82 -27.01 -3.29
N THR A 303 6.41 -27.90 -2.40
CA THR A 303 7.34 -28.55 -1.46
C THR A 303 8.61 -28.93 -2.22
N PRO A 304 9.78 -28.75 -1.61
CA PRO A 304 10.99 -29.09 -2.36
C PRO A 304 11.32 -30.58 -2.35
N PRO A 305 12.05 -31.05 -3.38
CA PRO A 305 12.56 -32.41 -3.42
C PRO A 305 13.86 -32.54 -2.59
N GLU A 306 14.24 -33.79 -2.34
CA GLU A 306 15.39 -34.10 -1.50
C GLU A 306 16.70 -33.45 -1.94
N GLU A 307 16.93 -33.33 -3.25
CA GLU A 307 18.16 -32.72 -3.75
C GLU A 307 18.31 -31.28 -3.27
N ASP A 308 17.17 -30.59 -3.11
CA ASP A 308 17.17 -29.18 -2.68
C ASP A 308 17.52 -28.99 -1.21
N LEU A 309 17.39 -30.06 -0.44
CA LEU A 309 17.58 -30.02 0.99
C LEU A 309 18.99 -30.42 1.41
N LYS A 310 19.80 -30.87 0.45
CA LYS A 310 21.18 -31.31 0.75
C LYS A 310 22.09 -30.14 1.12
N CYS A 311 21.78 -28.94 0.63
CA CYS A 311 22.54 -27.72 0.97
C CYS A 311 22.48 -27.42 2.47
N ILE A 312 21.28 -27.56 3.04
CA ILE A 312 20.96 -27.12 4.41
C ILE A 312 21.83 -27.79 5.47
N THR A 313 22.23 -27.01 6.47
CA THR A 313 23.23 -27.42 7.44
C THR A 313 22.56 -27.90 8.73
N LYS A 314 21.61 -27.12 9.24
CA LYS A 314 21.00 -27.39 10.55
C LYS A 314 19.83 -28.37 10.47
N GLN A 315 19.91 -29.44 11.28
CA GLN A 315 18.89 -30.48 11.36
C GLN A 315 17.48 -29.93 11.58
N GLU A 316 17.35 -29.07 12.59
CA GLU A 316 16.05 -28.52 12.99
C GLU A 316 15.36 -27.78 11.86
N VAL A 317 16.13 -27.12 11.00
CA VAL A 317 15.59 -26.45 9.80
C VAL A 317 15.01 -27.45 8.78
N ILE A 318 15.72 -28.55 8.52
CA ILE A 318 15.23 -29.63 7.67
C ILE A 318 13.92 -30.20 8.19
N LYS A 319 13.87 -30.39 9.51
CA LYS A 319 12.70 -30.95 10.17
C LYS A 319 11.55 -29.94 10.18
N TYR A 320 11.90 -28.66 10.14
CA TYR A 320 10.92 -27.58 10.09
C TYR A 320 10.29 -27.62 8.70
N ILE A 321 11.16 -27.53 7.70
CA ILE A 321 10.75 -27.70 6.30
C ILE A 321 9.88 -28.94 6.14
N LYS A 322 10.45 -30.12 6.37
CA LYS A 322 9.75 -31.41 6.18
C LYS A 322 8.35 -31.46 6.76
N LEU A 323 8.08 -30.65 7.78
CA LEU A 323 6.76 -30.62 8.41
C LEU A 323 5.77 -29.65 7.75
N PHE A 324 6.12 -29.12 6.56
CA PHE A 324 5.15 -28.48 5.69
C PHE A 324 4.60 -29.57 4.76
N PRO A 325 3.29 -29.89 4.88
CA PRO A 325 2.70 -30.97 4.08
C PRO A 325 3.12 -30.95 2.62
N THR A 326 3.51 -32.10 2.08
CA THR A 326 3.93 -32.18 0.68
C THR A 326 2.80 -31.69 -0.24
N ARG A 327 3.18 -30.85 -1.22
CA ARG A 327 2.24 -30.28 -2.19
C ARG A 327 2.95 -29.96 -3.48
N ASP A 328 2.20 -29.94 -4.57
CA ASP A 328 2.76 -29.53 -5.85
C ASP A 328 2.54 -28.04 -6.08
N GLY A 329 3.38 -27.48 -6.93
CA GLY A 329 3.24 -26.07 -7.26
C GLY A 329 1.93 -25.77 -7.98
N ILE A 330 1.79 -24.52 -8.39
CA ILE A 330 0.82 -24.16 -9.39
C ILE A 330 1.50 -24.37 -10.74
N ASP A 331 0.72 -24.36 -11.81
CA ASP A 331 1.28 -24.41 -13.14
C ASP A 331 1.38 -22.95 -13.59
N LEU A 332 2.61 -22.46 -13.70
CA LEU A 332 2.86 -21.05 -13.99
C LEU A 332 2.58 -20.76 -15.46
N SER A 333 2.62 -21.81 -16.27
CA SER A 333 2.33 -21.68 -17.69
C SER A 333 0.85 -21.36 -17.85
N LYS A 334 0.05 -21.90 -16.94
CA LYS A 334 -1.38 -21.64 -16.90
C LYS A 334 -1.68 -20.25 -16.32
N LYS A 335 -0.82 -19.79 -15.42
CA LYS A 335 -1.01 -18.47 -14.81
C LYS A 335 -0.58 -17.40 -15.81
N TYR A 336 0.54 -17.65 -16.48
CA TYR A 336 1.07 -16.70 -17.45
C TYR A 336 1.07 -17.39 -18.82
N SER A 337 -0.11 -17.49 -19.41
CA SER A 337 -0.32 -18.36 -20.58
C SER A 337 -0.23 -17.64 -21.91
N SER A 338 0.18 -16.37 -21.92
CA SER A 338 0.43 -15.62 -23.16
C SER A 338 1.91 -15.57 -23.48
N ILE A 339 2.74 -16.19 -22.65
CA ILE A 339 4.18 -16.13 -22.87
C ILE A 339 4.74 -17.51 -23.22
N SER A 340 5.88 -17.53 -23.92
CA SER A 340 6.44 -18.77 -24.44
C SER A 340 6.80 -19.75 -23.36
N LYS A 341 7.15 -20.98 -23.75
CA LYS A 341 7.69 -21.93 -22.79
C LYS A 341 9.07 -21.45 -22.33
N GLU A 342 9.84 -20.81 -23.22
CA GLU A 342 11.11 -20.20 -22.81
C GLU A 342 10.90 -19.15 -21.69
N GLY A 343 10.00 -18.19 -21.89
CA GLY A 343 9.65 -17.24 -20.82
C GLY A 343 9.37 -17.89 -19.48
N ILE A 344 8.49 -18.88 -19.48
CA ILE A 344 8.17 -19.64 -18.29
C ILE A 344 9.41 -20.35 -17.73
N ASP A 345 10.28 -20.85 -18.60
CA ASP A 345 11.52 -21.46 -18.11
C ASP A 345 12.35 -20.45 -17.31
N LEU A 346 12.47 -19.23 -17.83
CA LEU A 346 13.25 -18.18 -17.20
C LEU A 346 12.66 -17.82 -15.85
N LEU A 347 11.36 -17.56 -15.85
CA LEU A 347 10.63 -17.39 -14.61
C LEU A 347 10.82 -18.56 -13.64
N GLU A 348 10.66 -19.80 -14.08
CA GLU A 348 10.74 -20.92 -13.10
C GLU A 348 12.20 -21.16 -12.64
N SER A 349 13.17 -20.85 -13.48
CA SER A 349 14.56 -21.01 -13.09
C SER A 349 14.96 -20.02 -12.00
N MET A 350 14.49 -18.78 -12.12
CA MET A 350 14.76 -17.76 -11.10
C MET A 350 14.12 -18.15 -9.78
N LEU A 351 13.00 -18.87 -9.82
CA LEU A 351 12.27 -19.23 -8.62
C LEU A 351 12.48 -20.66 -8.16
N ARG A 352 13.70 -21.17 -8.32
CA ARG A 352 14.04 -22.47 -7.76
C ARG A 352 14.43 -22.32 -6.29
N PHE A 353 13.82 -23.16 -5.45
CA PHE A 353 14.17 -23.31 -4.04
C PHE A 353 15.65 -23.52 -3.81
N ASN A 354 16.30 -24.23 -4.72
CA ASN A 354 17.71 -24.59 -4.59
C ASN A 354 18.57 -23.43 -5.07
N ALA A 355 19.27 -22.77 -4.15
CA ALA A 355 20.05 -21.58 -4.55
C ALA A 355 21.10 -21.95 -5.57
N GLN A 356 21.58 -23.20 -5.51
CA GLN A 356 22.59 -23.70 -6.43
C GLN A 356 22.05 -23.94 -7.84
N LYS A 357 20.83 -24.42 -7.94
CA LYS A 357 20.26 -24.74 -9.26
C LYS A 357 19.60 -23.53 -9.92
N ARG A 358 19.28 -22.53 -9.10
CA ARG A 358 18.70 -21.26 -9.57
C ARG A 358 19.57 -20.64 -10.66
N ILE A 359 18.94 -20.16 -11.72
CA ILE A 359 19.68 -19.62 -12.87
C ILE A 359 20.60 -18.48 -12.42
N THR A 360 21.76 -18.38 -13.05
CA THR A 360 22.75 -17.35 -12.71
C THR A 360 22.45 -16.06 -13.46
N ILE A 361 23.10 -14.97 -13.05
CA ILE A 361 22.98 -13.72 -13.79
C ILE A 361 23.35 -13.94 -15.26
N ASP A 362 24.45 -14.64 -15.49
CA ASP A 362 25.01 -14.70 -16.85
C ASP A 362 24.05 -15.45 -17.76
N LYS A 363 23.54 -16.55 -17.26
CA LYS A 363 22.58 -17.35 -18.01
C LYS A 363 21.24 -16.63 -18.24
N ALA A 364 20.82 -15.81 -17.28
CA ALA A 364 19.59 -15.02 -17.44
C ALA A 364 19.75 -13.96 -18.53
N LEU A 365 20.92 -13.32 -18.55
CA LEU A 365 21.23 -12.38 -19.62
C LEU A 365 21.25 -13.03 -21.01
N SER A 366 21.71 -14.28 -21.08
CA SER A 366 21.83 -14.98 -22.37
C SER A 366 20.62 -15.87 -22.63
N HIS A 367 19.62 -15.83 -21.77
CA HIS A 367 18.47 -16.72 -21.91
C HIS A 367 17.74 -16.45 -23.21
N PRO A 368 17.32 -17.51 -23.92
CA PRO A 368 16.63 -17.36 -25.19
C PRO A 368 15.41 -16.44 -25.16
N TYR A 369 14.64 -16.46 -24.06
CA TYR A 369 13.50 -15.56 -23.91
C TYR A 369 13.86 -14.08 -24.08
N LEU A 370 15.11 -13.73 -23.76
CA LEU A 370 15.57 -12.34 -23.87
C LEU A 370 16.45 -12.03 -25.08
N LYS A 371 16.68 -13.03 -25.95
CA LYS A 371 17.41 -12.82 -27.22
C LYS A 371 16.90 -11.59 -27.97
N ASP A 372 15.57 -11.46 -28.01
N ASP A 372 15.57 -11.50 -28.04
CA ASP A 372 14.91 -10.37 -28.71
CA ASP A 372 14.83 -10.38 -28.62
C ASP A 372 15.35 -8.98 -28.26
C ASP A 372 15.39 -9.01 -28.27
N VAL A 373 15.82 -8.86 -27.01
CA VAL A 373 16.24 -7.56 -26.46
C VAL A 373 17.70 -7.50 -26.04
N ARG A 374 18.37 -8.66 -25.98
CA ARG A 374 19.75 -8.73 -25.54
C ARG A 374 20.69 -7.72 -26.22
N LYS A 375 21.62 -7.19 -25.44
CA LYS A 375 22.66 -6.28 -25.92
C LYS A 375 23.98 -6.75 -25.30
N GLU A 376 24.52 -7.84 -25.86
CA GLU A 376 25.74 -8.49 -25.38
C GLU A 376 26.88 -7.49 -25.22
N ASN A 377 26.89 -6.46 -26.07
CA ASN A 377 27.81 -5.32 -25.93
C ASN A 377 27.88 -4.76 -24.50
N LEU A 378 26.73 -4.63 -23.84
CA LEU A 378 26.65 -3.99 -22.52
C LEU A 378 26.85 -4.98 -21.35
N GLU A 379 26.86 -6.28 -21.64
CA GLU A 379 27.14 -7.29 -20.61
C GLU A 379 28.62 -7.33 -20.25
N ASN A 380 29.46 -6.86 -21.17
CA ASN A 380 30.91 -6.93 -21.06
C ASN A 380 31.54 -5.57 -20.74
N PHE A 381 31.82 -5.41 -19.46
CA PHE A 381 32.34 -4.18 -18.88
C PHE A 381 33.38 -4.61 -17.88
N SER A 382 34.15 -3.66 -17.37
CA SER A 382 35.19 -3.96 -16.40
C SER A 382 35.05 -3.03 -15.20
N THR A 383 34.94 -3.62 -14.01
CA THR A 383 34.84 -2.86 -12.76
C THR A 383 35.49 -3.68 -11.65
N GLU A 384 35.95 -3.01 -10.59
CA GLU A 384 36.64 -3.70 -9.50
C GLU A 384 35.73 -3.93 -8.31
N LYS A 385 36.14 -4.85 -7.44
CA LYS A 385 35.40 -5.10 -6.22
C LYS A 385 35.60 -3.90 -5.31
N ILE A 386 34.49 -3.32 -4.83
CA ILE A 386 34.58 -2.12 -4.02
C ILE A 386 34.95 -2.53 -2.62
N ILE A 387 35.59 -1.61 -1.90
CA ILE A 387 35.96 -1.80 -0.52
C ILE A 387 35.14 -0.80 0.26
N LEU A 388 34.40 -1.28 1.26
CA LEU A 388 33.62 -0.41 2.11
C LEU A 388 34.45 -0.03 3.34
N PRO A 389 34.26 1.21 3.82
CA PRO A 389 35.00 1.75 4.96
C PRO A 389 34.63 1.14 6.31
N PHE A 390 33.84 0.07 6.31
CA PHE A 390 33.55 -0.73 7.50
C PHE A 390 33.21 -2.13 7.01
N ASP A 391 33.04 -3.08 7.93
CA ASP A 391 32.69 -4.44 7.55
C ASP A 391 31.44 -4.92 8.30
N ASP A 392 30.87 -6.01 7.79
CA ASP A 392 29.56 -6.50 8.24
C ASP A 392 29.57 -6.79 9.76
N TRP A 393 30.47 -7.68 10.15
CA TRP A 393 30.67 -8.07 11.55
C TRP A 393 30.94 -6.91 12.52
N MET A 394 31.59 -5.84 12.05
CA MET A 394 32.01 -4.72 12.92
C MET A 394 30.84 -4.14 13.71
N VAL A 395 30.92 -4.25 15.03
CA VAL A 395 30.06 -3.44 15.90
C VAL A 395 30.72 -2.07 16.00
N LEU A 396 29.93 -1.02 15.81
CA LEU A 396 30.46 0.33 15.71
C LEU A 396 29.68 1.29 16.59
N SER A 397 30.40 2.17 17.27
CA SER A 397 29.79 3.15 18.16
C SER A 397 29.21 4.31 17.37
N GLU A 398 28.34 5.06 18.04
CA GLU A 398 27.83 6.32 17.53
C GLU A 398 29.01 7.16 17.05
N THR A 399 30.00 7.33 17.92
CA THR A 399 31.24 8.04 17.58
C THR A 399 31.75 7.56 16.23
N GLN A 400 32.03 6.26 16.16
CA GLN A 400 32.66 5.69 14.97
C GLN A 400 31.79 5.83 13.71
N LEU A 401 30.49 5.62 13.86
CA LEU A 401 29.54 5.80 12.76
C LEU A 401 29.43 7.26 12.31
N ARG A 402 29.47 8.22 13.23
CA ARG A 402 29.53 9.64 12.82
C ARG A 402 30.80 9.99 12.04
N TYR A 403 31.92 9.35 12.40
CA TYR A 403 33.16 9.59 11.67
C TYR A 403 32.98 9.20 10.22
N ILE A 404 32.55 7.96 10.00
CA ILE A 404 32.45 7.41 8.64
C ILE A 404 31.47 8.22 7.81
N PHE A 405 30.36 8.65 8.41
CA PHE A 405 29.40 9.51 7.69
C PHE A 405 30.07 10.78 7.21
N LEU A 406 30.78 11.42 8.11
CA LEU A 406 31.38 12.71 7.80
C LEU A 406 32.47 12.57 6.75
N LYS A 407 33.22 11.48 6.74
CA LYS A 407 34.17 11.24 5.67
C LYS A 407 33.47 11.12 4.31
N GLU A 408 32.35 10.42 4.27
CA GLU A 408 31.58 10.32 3.03
C GLU A 408 31.07 11.68 2.61
N ILE A 409 30.55 12.43 3.57
CA ILE A 409 30.06 13.77 3.32
C ILE A 409 31.24 14.65 2.87
N GLN A 410 32.42 14.36 3.42
CA GLN A 410 33.65 15.07 3.07
C GLN A 410 34.10 14.75 1.65
N SER A 411 33.73 13.58 1.15
CA SER A 411 34.08 13.19 -0.22
C SER A 411 33.42 14.14 -1.22
N PHE A 412 32.24 14.61 -0.87
CA PHE A 412 31.51 15.55 -1.72
C PHE A 412 31.87 16.97 -1.36
N HIS A 413 32.34 17.18 -0.13
CA HIS A 413 32.70 18.50 0.34
C HIS A 413 34.14 18.55 0.89
N ALA A 414 35.08 18.81 -0.02
CA ALA A 414 36.53 18.74 0.26
C ALA A 414 36.98 19.44 1.54
N ASP A 415 36.39 20.59 1.85
CA ASP A 415 36.87 21.46 2.93
C ASP A 415 36.29 21.15 4.33
N LEU A 416 35.37 20.19 4.41
CA LEU A 416 34.75 19.84 5.69
C LEU A 416 35.79 19.35 6.68
N ILE A 417 35.71 19.85 7.90
CA ILE A 417 36.66 19.51 8.95
C ILE A 417 35.99 18.63 9.99
N ILE A 418 36.52 17.43 10.20
CA ILE A 418 35.94 16.47 11.14
C ILE A 418 36.38 16.78 12.58
N PRO A 419 35.42 16.97 13.49
CA PRO A 419 35.73 17.24 14.90
C PRO A 419 36.71 16.24 15.52
N ALA A 420 37.58 16.74 16.39
CA ALA A 420 38.57 15.92 17.08
C ALA A 420 37.92 14.90 17.98
N LYS A 421 36.77 15.26 18.54
CA LYS A 421 36.02 14.35 19.42
C LYS A 421 35.63 13.05 18.71
N LEU A 422 35.52 13.09 17.38
CA LEU A 422 34.99 11.96 16.61
C LEU A 422 36.05 10.97 16.08
N ASN A 423 37.31 11.39 15.99
CA ASN A 423 38.44 10.46 15.74
C ASN A 423 38.39 9.20 16.61
N ALA B 19 0.14 9.49 -20.58
CA ALA B 19 0.35 8.01 -20.70
C ALA B 19 -0.81 7.26 -20.05
N ILE B 20 -1.00 7.51 -18.76
CA ILE B 20 -2.07 6.91 -17.96
C ILE B 20 -3.45 7.50 -18.31
N ILE B 21 -3.44 8.69 -18.89
CA ILE B 21 -4.68 9.45 -19.16
C ILE B 21 -5.52 8.89 -20.31
N LYS B 22 -4.85 8.41 -21.36
CA LYS B 22 -5.50 7.88 -22.57
C LYS B 22 -6.86 7.21 -22.29
N ASN B 23 -6.84 6.17 -21.47
CA ASN B 23 -8.03 5.31 -21.25
C ASN B 23 -9.32 6.03 -20.83
N VAL B 24 -9.21 7.22 -20.22
CA VAL B 24 -10.36 7.94 -19.74
C VAL B 24 -11.01 8.71 -20.89
N LYS B 25 -12.22 8.30 -21.26
CA LYS B 25 -12.94 8.94 -22.35
C LYS B 25 -14.27 9.44 -21.82
N VAL B 26 -14.37 10.76 -21.73
CA VAL B 26 -15.56 11.40 -21.14
C VAL B 26 -15.96 12.60 -22.00
N PRO B 27 -17.16 13.14 -21.78
CA PRO B 27 -17.63 14.25 -22.60
C PRO B 27 -16.72 15.46 -22.57
N ASP B 28 -16.82 16.30 -23.60
CA ASP B 28 -15.90 17.42 -23.80
C ASP B 28 -15.97 18.50 -22.74
N ASN B 29 -17.03 18.54 -21.94
CA ASN B 29 -17.07 19.50 -20.83
C ASN B 29 -16.09 19.15 -19.70
N TYR B 30 -15.78 17.87 -19.56
CA TYR B 30 -14.83 17.40 -18.54
C TYR B 30 -13.41 17.36 -19.12
N GLU B 31 -12.48 18.11 -18.51
CA GLU B 31 -11.06 18.09 -18.89
C GLU B 31 -10.27 17.25 -17.90
N ILE B 32 -9.77 16.09 -18.32
CA ILE B 32 -9.08 15.20 -17.40
C ILE B 32 -7.68 15.71 -17.18
N LYS B 33 -7.33 15.91 -15.90
CA LYS B 33 -6.02 16.41 -15.53
C LYS B 33 -5.10 15.26 -15.14
N HIS B 34 -5.32 14.63 -14.00
CA HIS B 34 -4.44 13.51 -13.60
C HIS B 34 -5.09 12.53 -12.62
N LEU B 35 -4.40 11.42 -12.37
CA LEU B 35 -4.84 10.39 -11.45
C LEU B 35 -4.64 10.87 -10.01
N ILE B 36 -5.62 10.64 -9.16
CA ILE B 36 -5.50 10.99 -7.76
C ILE B 36 -5.69 9.82 -6.85
N GLY B 37 -6.25 8.72 -7.33
CA GLY B 37 -6.46 7.60 -6.44
C GLY B 37 -6.94 6.33 -7.11
N ARG B 38 -6.82 5.24 -6.38
CA ARG B 38 -7.43 4.01 -6.80
C ARG B 38 -7.75 3.14 -5.59
N GLY B 39 -8.76 2.29 -5.72
CA GLY B 39 -8.99 1.20 -4.77
C GLY B 39 -9.03 -0.16 -5.47
N SER B 40 -9.78 -1.10 -4.93
CA SER B 40 -9.90 -2.43 -5.54
C SER B 40 -10.83 -2.47 -6.76
N TYR B 41 -11.54 -1.38 -7.05
CA TYR B 41 -12.50 -1.38 -8.17
C TYR B 41 -12.38 -0.20 -9.13
N GLY B 42 -11.94 0.94 -8.63
CA GLY B 42 -11.92 2.14 -9.45
C GLY B 42 -10.62 2.93 -9.47
N TYR B 43 -10.36 3.55 -10.60
CA TYR B 43 -9.29 4.53 -10.74
C TYR B 43 -9.97 5.87 -10.74
N VAL B 44 -9.54 6.77 -9.84
CA VAL B 44 -10.17 8.09 -9.69
C VAL B 44 -9.25 9.23 -10.14
N TYR B 45 -9.81 10.15 -10.92
CA TYR B 45 -9.06 11.17 -11.67
C TYR B 45 -9.60 12.55 -11.37
N LEU B 46 -8.70 13.51 -11.21
CA LEU B 46 -9.09 14.92 -11.16
C LEU B 46 -9.49 15.36 -12.54
N ALA B 47 -10.62 16.05 -12.64
CA ALA B 47 -11.06 16.71 -13.87
C ALA B 47 -11.67 18.06 -13.55
N TYR B 48 -11.59 18.99 -14.50
CA TYR B 48 -12.27 20.29 -14.36
C TYR B 48 -13.56 20.24 -15.17
N ASP B 49 -14.70 20.46 -14.51
CA ASP B 49 -16.02 20.50 -15.19
C ASP B 49 -16.32 21.91 -15.71
N LYS B 50 -16.22 22.09 -17.02
CA LYS B 50 -16.43 23.39 -17.63
C LYS B 50 -17.84 23.96 -17.43
N ASN B 51 -18.84 23.10 -17.32
CA ASN B 51 -20.23 23.58 -17.20
C ASN B 51 -20.56 24.14 -15.83
N ALA B 52 -19.92 23.61 -14.79
CA ALA B 52 -20.07 24.14 -13.43
C ALA B 52 -18.81 24.90 -12.95
N ASN B 53 -17.91 25.23 -13.85
CA ASN B 53 -16.63 25.85 -13.48
C ASN B 53 -16.10 25.32 -12.15
N LYS B 54 -16.05 24.00 -12.04
CA LYS B 54 -15.72 23.27 -10.80
C LYS B 54 -14.74 22.14 -11.09
N ASN B 55 -13.98 21.71 -10.08
CA ASN B 55 -13.21 20.46 -10.17
C ASN B 55 -14.05 19.32 -9.67
N VAL B 56 -13.94 18.17 -10.32
CA VAL B 56 -14.65 16.96 -9.88
C VAL B 56 -13.72 15.75 -9.88
N ALA B 57 -14.12 14.70 -9.18
CA ALA B 57 -13.43 13.43 -9.23
C ALA B 57 -14.27 12.53 -10.11
N ILE B 58 -13.62 11.86 -11.05
CA ILE B 58 -14.27 10.92 -11.97
C ILE B 58 -13.75 9.51 -11.69
N LYS B 59 -14.60 8.65 -11.13
CA LYS B 59 -14.26 7.25 -10.90
C LYS B 59 -14.66 6.48 -12.17
N LYS B 60 -13.68 5.79 -12.75
CA LYS B 60 -13.91 4.88 -13.88
C LYS B 60 -13.89 3.46 -13.33
N VAL B 61 -14.96 2.71 -13.52
CA VAL B 61 -15.01 1.30 -13.13
C VAL B 61 -15.06 0.41 -14.38
N ASN B 62 -14.10 -0.50 -14.50
CA ASN B 62 -13.95 -1.39 -15.65
C ASN B 62 -14.53 -2.78 -15.39
N ARG B 63 -14.90 -3.48 -16.47
CA ARG B 63 -15.34 -4.86 -16.40
C ARG B 63 -16.54 -5.08 -15.47
N MET B 64 -17.53 -4.21 -15.52
CA MET B 64 -18.49 -4.21 -14.41
C MET B 64 -19.62 -5.23 -14.47
N PHE B 65 -19.84 -5.88 -15.60
CA PHE B 65 -20.80 -7.00 -15.67
C PHE B 65 -20.13 -8.38 -15.69
N GLU B 66 -18.80 -8.39 -15.80
CA GLU B 66 -18.03 -9.64 -15.73
C GLU B 66 -18.35 -10.43 -14.45
N ASP B 67 -18.46 -9.73 -13.32
CA ASP B 67 -18.86 -10.33 -12.03
C ASP B 67 -20.12 -9.61 -11.51
N LEU B 68 -21.19 -10.36 -11.26
CA LEU B 68 -22.48 -9.74 -10.95
C LEU B 68 -22.64 -9.38 -9.48
N ILE B 69 -21.82 -9.97 -8.61
CA ILE B 69 -21.74 -9.54 -7.20
C ILE B 69 -21.05 -8.17 -7.13
N ASP B 70 -19.90 -8.03 -7.79
CA ASP B 70 -19.24 -6.72 -7.96
C ASP B 70 -20.19 -5.73 -8.64
N CYS B 71 -20.96 -6.21 -9.61
CA CYS B 71 -21.86 -5.35 -10.37
C CYS B 71 -22.88 -4.70 -9.47
N LYS B 72 -23.46 -5.52 -8.58
CA LYS B 72 -24.48 -5.03 -7.66
C LYS B 72 -23.87 -4.03 -6.67
N ARG B 73 -22.61 -4.27 -6.32
CA ARG B 73 -21.80 -3.39 -5.47
C ARG B 73 -21.80 -1.96 -6.00
N ILE B 74 -21.49 -1.84 -7.29
CA ILE B 74 -21.35 -0.54 -7.91
C ILE B 74 -22.70 0.11 -8.04
N LEU B 75 -23.78 -0.70 -8.12
CA LEU B 75 -25.14 -0.15 -8.18
C LEU B 75 -25.55 0.42 -6.83
N ARG B 76 -25.10 -0.25 -5.78
CA ARG B 76 -25.37 0.19 -4.43
C ARG B 76 -24.59 1.45 -4.14
N GLU B 77 -23.37 1.54 -4.66
CA GLU B 77 -22.57 2.74 -4.44
C GLU B 77 -23.25 3.95 -5.02
N ILE B 78 -23.64 3.87 -6.29
CA ILE B 78 -24.19 5.07 -6.94
C ILE B 78 -25.65 5.37 -6.54
N THR B 79 -26.44 4.36 -6.23
CA THR B 79 -27.84 4.63 -5.90
C THR B 79 -27.92 5.31 -4.53
N ILE B 80 -27.08 4.85 -3.59
CA ILE B 80 -27.04 5.43 -2.24
C ILE B 80 -26.52 6.85 -2.31
N LEU B 81 -25.28 7.03 -2.73
CA LEU B 81 -24.77 8.38 -3.01
C LEU B 81 -25.90 9.24 -3.57
N ASN B 82 -26.67 8.68 -4.51
CA ASN B 82 -27.70 9.43 -5.25
C ASN B 82 -28.87 9.86 -4.35
N ARG B 83 -29.02 9.19 -3.20
CA ARG B 83 -30.11 9.48 -2.28
C ARG B 83 -29.66 10.03 -0.91
N LEU B 84 -28.41 10.49 -0.80
CA LEU B 84 -27.94 11.21 0.37
C LEU B 84 -27.67 12.69 0.01
N LYS B 85 -28.08 13.60 0.88
CA LYS B 85 -27.80 15.01 0.65
C LYS B 85 -27.28 15.64 1.92
N SER B 86 -25.99 15.96 1.91
CA SER B 86 -25.27 16.37 3.12
C SER B 86 -23.87 16.82 2.75
N ASP B 87 -23.35 17.80 3.46
CA ASP B 87 -21.97 18.22 3.25
C ASP B 87 -21.00 17.20 3.87
N TYR B 88 -21.52 16.30 4.71
CA TYR B 88 -20.70 15.28 5.35
C TYR B 88 -20.51 14.04 4.47
N ILE B 89 -21.21 13.96 3.35
CA ILE B 89 -21.12 12.80 2.45
C ILE B 89 -20.72 13.30 1.08
N ILE B 90 -19.93 12.54 0.36
CA ILE B 90 -19.49 12.99 -0.94
C ILE B 90 -20.69 13.00 -1.90
N ARG B 91 -20.82 14.09 -2.66
CA ARG B 91 -21.97 14.26 -3.54
C ARG B 91 -21.74 13.64 -4.92
N LEU B 92 -22.84 13.24 -5.54
CA LEU B 92 -22.80 12.60 -6.84
C LEU B 92 -23.15 13.70 -7.81
N HIS B 93 -22.13 14.13 -8.55
CA HIS B 93 -22.21 15.27 -9.43
C HIS B 93 -22.80 14.87 -10.78
N ASP B 94 -22.39 13.72 -11.31
CA ASP B 94 -22.90 13.27 -12.61
C ASP B 94 -22.72 11.77 -12.78
N LEU B 95 -23.56 11.19 -13.63
CA LEU B 95 -23.34 9.84 -14.13
C LEU B 95 -23.30 9.93 -15.63
N ILE B 96 -22.15 9.58 -16.23
CA ILE B 96 -21.95 9.76 -17.67
C ILE B 96 -22.70 8.68 -18.45
N ILE B 97 -23.30 9.09 -19.58
CA ILE B 97 -24.05 8.18 -20.45
C ILE B 97 -23.06 7.31 -21.23
N PRO B 98 -23.24 5.98 -21.17
CA PRO B 98 -22.38 5.05 -21.92
C PRO B 98 -22.53 5.20 -23.45
N GLU B 99 -21.46 4.93 -24.18
CA GLU B 99 -21.52 4.96 -25.64
C GLU B 99 -22.49 3.88 -26.13
N ASP B 100 -22.39 2.69 -25.54
CA ASP B 100 -23.28 1.61 -25.93
C ASP B 100 -24.31 1.31 -24.84
N LEU B 101 -25.52 1.83 -24.99
CA LEU B 101 -26.54 1.67 -23.96
C LEU B 101 -26.80 0.21 -23.62
N LEU B 102 -26.63 -0.68 -24.59
CA LEU B 102 -26.92 -2.11 -24.41
C LEU B 102 -25.76 -2.96 -23.89
N LYS B 103 -24.55 -2.68 -24.38
CA LYS B 103 -23.40 -3.56 -24.15
C LYS B 103 -22.32 -2.97 -23.25
N PHE B 104 -22.60 -1.82 -22.62
CA PHE B 104 -21.58 -1.12 -21.84
C PHE B 104 -21.02 -1.95 -20.69
N ASP B 105 -19.69 -2.00 -20.59
CA ASP B 105 -19.01 -2.77 -19.56
C ASP B 105 -18.16 -1.91 -18.59
N GLU B 106 -18.32 -0.59 -18.71
CA GLU B 106 -17.64 0.38 -17.87
C GLU B 106 -18.61 1.51 -17.47
N LEU B 107 -18.42 2.06 -16.28
CA LEU B 107 -19.16 3.26 -15.85
C LEU B 107 -18.20 4.35 -15.45
N TYR B 108 -18.54 5.59 -15.81
CA TYR B 108 -17.84 6.79 -15.30
C TYR B 108 -18.75 7.51 -14.32
N ILE B 109 -18.32 7.55 -13.07
CA ILE B 109 -19.05 8.19 -11.97
C ILE B 109 -18.36 9.49 -11.56
N VAL B 110 -19.08 10.61 -11.64
CA VAL B 110 -18.48 11.91 -11.36
C VAL B 110 -18.88 12.42 -9.99
N LEU B 111 -17.89 12.55 -9.10
CA LEU B 111 -18.13 12.93 -7.73
C LEU B 111 -17.59 14.33 -7.42
N GLU B 112 -18.12 14.90 -6.35
CA GLU B 112 -17.56 16.08 -5.70
C GLU B 112 -16.10 15.81 -5.38
N ILE B 113 -15.23 16.75 -5.74
CA ILE B 113 -13.81 16.64 -5.47
C ILE B 113 -13.53 16.86 -3.99
N ALA B 114 -12.58 16.09 -3.46
CA ALA B 114 -12.01 16.32 -2.15
C ALA B 114 -10.51 16.56 -2.37
N ASP B 115 -9.87 17.22 -1.40
CA ASP B 115 -8.45 17.55 -1.52
C ASP B 115 -7.62 16.28 -1.32
N SER B 116 -8.02 15.44 -0.36
CA SER B 116 -7.25 14.27 0.00
C SER B 116 -8.14 13.25 0.74
N ASP B 117 -7.52 12.35 1.49
CA ASP B 117 -8.26 11.35 2.26
C ASP B 117 -7.40 10.89 3.42
N LEU B 118 -7.98 10.15 4.35
CA LEU B 118 -7.27 9.80 5.59
C LEU B 118 -6.10 8.88 5.33
N LYS B 119 -6.23 7.99 4.36
CA LYS B 119 -5.15 7.06 4.03
C LYS B 119 -3.91 7.78 3.51
N LYS B 120 -4.11 8.73 2.60
CA LYS B 120 -3.04 9.61 2.17
C LYS B 120 -2.54 10.42 3.35
N LEU B 121 -3.46 10.97 4.13
CA LEU B 121 -3.06 11.82 5.25
C LEU B 121 -1.99 11.12 6.05
N PHE B 122 -2.26 9.86 6.43
CA PHE B 122 -1.39 9.11 7.33
C PHE B 122 -0.03 8.76 6.75
N LYS B 123 0.10 8.75 5.43
CA LYS B 123 1.38 8.45 4.81
C LYS B 123 2.27 9.71 4.70
N THR B 124 1.66 10.89 4.76
CA THR B 124 2.40 12.15 4.51
C THR B 124 3.33 12.48 5.67
N PRO B 125 4.38 13.28 5.41
CA PRO B 125 5.32 13.61 6.47
C PRO B 125 4.87 14.77 7.38
N ILE B 126 3.56 14.94 7.52
CA ILE B 126 2.97 15.98 8.36
C ILE B 126 2.69 15.44 9.76
N PHE B 127 2.80 16.33 10.75
CA PHE B 127 2.26 16.08 12.09
C PHE B 127 0.95 16.84 12.28
N LEU B 128 0.05 16.28 13.07
CA LEU B 128 -1.21 16.93 13.40
C LEU B 128 -1.27 17.26 14.89
N THR B 129 -1.79 18.44 15.22
CA THR B 129 -2.08 18.79 16.60
C THR B 129 -3.22 17.90 17.10
N GLU B 130 -3.40 17.81 18.42
CA GLU B 130 -4.51 17.02 18.97
C GLU B 130 -5.85 17.66 18.59
N GLN B 131 -5.81 18.95 18.27
CA GLN B 131 -6.98 19.71 17.89
C GLN B 131 -7.41 19.29 16.49
N HIS B 132 -6.45 19.09 15.61
CA HIS B 132 -6.73 18.50 14.28
C HIS B 132 -7.34 17.10 14.40
N VAL B 133 -6.74 16.24 15.22
CA VAL B 133 -7.29 14.90 15.45
C VAL B 133 -8.76 15.00 15.83
N LYS B 134 -9.05 15.82 16.83
CA LYS B 134 -10.38 15.95 17.40
C LYS B 134 -11.40 16.42 16.37
N THR B 135 -11.04 17.46 15.62
CA THR B 135 -11.92 18.00 14.61
C THR B 135 -12.27 16.93 13.56
N ILE B 136 -11.22 16.30 13.00
CA ILE B 136 -11.39 15.24 12.02
C ILE B 136 -12.24 14.09 12.57
N LEU B 137 -12.08 13.72 13.82
CA LEU B 137 -12.85 12.59 14.33
C LEU B 137 -14.35 12.95 14.45
N TYR B 138 -14.60 14.13 15.01
CA TYR B 138 -15.95 14.63 15.20
C TYR B 138 -16.64 14.69 13.85
N ASN B 139 -15.97 15.33 12.89
CA ASN B 139 -16.45 15.41 11.51
C ASN B 139 -16.79 14.05 10.86
N LEU B 140 -15.99 13.02 11.11
CA LEU B 140 -16.31 11.69 10.62
C LEU B 140 -17.61 11.30 11.29
N LEU B 141 -17.64 11.37 12.62
CA LEU B 141 -18.83 11.02 13.40
C LEU B 141 -20.10 11.72 12.90
N LEU B 142 -19.96 12.96 12.47
CA LEU B 142 -21.09 13.69 11.92
C LEU B 142 -21.68 12.93 10.74
N GLY B 143 -20.82 12.56 9.78
CA GLY B 143 -21.21 11.80 8.61
C GLY B 143 -21.85 10.47 8.94
N GLU B 144 -21.34 9.81 9.97
CA GLU B 144 -21.88 8.53 10.39
C GLU B 144 -23.28 8.67 10.95
N LYS B 145 -23.52 9.79 11.65
CA LYS B 145 -24.82 10.08 12.23
C LYS B 145 -25.82 10.30 11.11
N PHE B 146 -25.40 11.07 10.12
CA PHE B 146 -26.23 11.29 8.94
C PHE B 146 -26.57 10.00 8.23
N ILE B 147 -25.60 9.09 8.13
CA ILE B 147 -25.83 7.80 7.52
C ILE B 147 -26.87 7.05 8.34
N HIS B 148 -26.63 6.99 9.65
CA HIS B 148 -27.51 6.34 10.61
C HIS B 148 -28.94 6.89 10.55
N GLU B 149 -29.09 8.20 10.61
CA GLU B 149 -30.41 8.84 10.48
C GLU B 149 -31.08 8.59 9.12
N SER B 150 -30.26 8.43 8.08
CA SER B 150 -30.72 8.01 6.76
C SER B 150 -30.98 6.53 6.63
N GLY B 151 -30.85 5.77 7.73
CA GLY B 151 -31.23 4.36 7.71
C GLY B 151 -30.26 3.47 6.95
N ILE B 152 -28.97 3.79 7.08
CA ILE B 152 -27.89 3.13 6.36
C ILE B 152 -26.80 2.75 7.34
N ILE B 153 -26.23 1.56 7.16
CA ILE B 153 -24.95 1.20 7.79
C ILE B 153 -23.94 1.11 6.67
N HIS B 154 -22.83 1.82 6.78
CA HIS B 154 -21.84 1.87 5.69
C HIS B 154 -21.10 0.54 5.54
N ARG B 155 -20.68 -0.05 6.64
CA ARG B 155 -20.14 -1.42 6.68
C ARG B 155 -18.68 -1.55 6.20
N ASP B 156 -18.11 -0.52 5.58
CA ASP B 156 -16.71 -0.61 5.13
C ASP B 156 -15.95 0.69 5.26
N LEU B 157 -16.08 1.29 6.44
CA LEU B 157 -15.40 2.52 6.75
C LEU B 157 -13.91 2.21 6.90
N LYS B 158 -13.08 3.06 6.31
CA LYS B 158 -11.65 2.88 6.42
C LYS B 158 -10.96 4.14 5.87
N PRO B 159 -9.65 4.30 6.17
CA PRO B 159 -8.98 5.56 5.81
C PRO B 159 -9.20 5.93 4.37
N ALA B 160 -9.15 4.96 3.46
CA ALA B 160 -9.32 5.24 2.04
C ALA B 160 -10.68 5.88 1.66
N ASN B 161 -11.79 5.58 2.34
CA ASN B 161 -13.07 6.19 1.95
C ASN B 161 -13.60 7.26 2.89
N CYS B 162 -12.74 7.67 3.81
CA CYS B 162 -12.94 8.91 4.55
C CYS B 162 -12.20 10.04 3.81
N LEU B 163 -12.89 10.73 2.91
CA LEU B 163 -12.23 11.80 2.14
C LEU B 163 -12.00 13.01 3.04
N LEU B 164 -10.96 13.80 2.72
CA LEU B 164 -10.51 14.88 3.60
C LEU B 164 -10.26 16.16 2.84
N ASN B 165 -10.67 17.29 3.42
CA ASN B 165 -10.37 18.60 2.83
C ASN B 165 -9.40 19.41 3.69
N GLN B 166 -8.76 20.38 3.05
CA GLN B 166 -7.85 21.37 3.66
C GLN B 166 -8.32 21.87 5.06
N ASP B 167 -9.62 22.14 5.17
CA ASP B 167 -10.25 22.65 6.40
C ASP B 167 -10.70 21.56 7.36
N CYS B 168 -10.25 20.32 7.15
CA CYS B 168 -10.53 19.22 8.07
C CYS B 168 -11.93 18.67 7.98
N SER B 169 -12.69 19.05 6.95
CA SER B 169 -13.99 18.43 6.78
C SER B 169 -13.79 17.01 6.22
N VAL B 170 -14.55 16.07 6.78
CA VAL B 170 -14.60 14.70 6.31
C VAL B 170 -15.80 14.51 5.40
N LYS B 171 -15.60 13.83 4.28
CA LYS B 171 -16.70 13.47 3.36
C LYS B 171 -16.62 11.98 3.04
N ILE B 172 -17.66 11.24 3.41
CA ILE B 172 -17.64 9.77 3.31
C ILE B 172 -18.10 9.31 1.93
N CYS B 173 -17.41 8.32 1.38
CA CYS B 173 -17.72 7.77 0.05
C CYS B 173 -17.72 6.26 0.14
N ASP B 174 -17.86 5.58 -1.00
CA ASP B 174 -17.60 4.14 -1.11
C ASP B 174 -18.71 3.31 -0.46
N PHE B 175 -19.95 3.62 -0.81
CA PHE B 175 -21.10 2.98 -0.14
C PHE B 175 -21.46 1.60 -0.75
N GLY B 176 -20.54 1.00 -1.48
CA GLY B 176 -20.82 -0.20 -2.24
C GLY B 176 -21.17 -1.42 -1.41
N LEU B 177 -20.73 -1.43 -0.15
CA LEU B 177 -21.03 -2.53 0.79
C LEU B 177 -22.08 -2.14 1.84
N ALA B 178 -22.68 -0.96 1.67
CA ALA B 178 -23.57 -0.43 2.67
C ALA B 178 -24.83 -1.28 2.82
N ARG B 179 -25.43 -1.23 4.00
CA ARG B 179 -26.61 -2.03 4.29
C ARG B 179 -27.74 -1.18 4.85
N THR B 180 -28.97 -1.64 4.61
CA THR B 180 -30.17 -0.96 5.08
C THR B 180 -30.62 -1.48 6.44
N ILE B 181 -31.19 -0.60 7.27
CA ILE B 181 -31.64 -0.95 8.61
C ILE B 181 -33.06 -1.50 8.55
N THR B 214 -14.48 -13.34 -9.33
CA THR B 214 -13.26 -12.54 -9.50
C THR B 214 -12.66 -12.13 -8.15
N SER B 215 -11.32 -12.06 -8.11
CA SER B 215 -10.61 -11.84 -6.83
C SER B 215 -10.04 -10.41 -6.74
N HIS B 216 -10.03 -9.87 -5.51
CA HIS B 216 -9.61 -8.51 -5.24
C HIS B 216 -8.71 -8.41 -4.03
N VAL B 217 -7.98 -7.30 -3.95
CA VAL B 217 -7.40 -6.86 -2.70
C VAL B 217 -8.57 -6.56 -1.76
N VAL B 218 -8.53 -7.08 -0.54
CA VAL B 218 -9.56 -6.76 0.44
C VAL B 218 -8.93 -6.43 1.79
N THR B 219 -9.30 -5.26 2.32
CA THR B 219 -8.84 -4.81 3.64
C THR B 219 -9.87 -5.14 4.70
N ARG B 220 -9.50 -6.03 5.63
CA ARG B 220 -10.38 -6.46 6.72
C ARG B 220 -10.00 -5.83 8.05
N TRP B 221 -9.05 -4.90 8.03
CA TRP B 221 -8.46 -4.35 9.24
C TRP B 221 -9.38 -3.43 10.05
N TYR B 222 -10.52 -3.05 9.46
CA TYR B 222 -11.43 -2.13 10.10
C TYR B 222 -12.77 -2.78 10.45
N ARG B 223 -12.82 -4.08 10.27
CA ARG B 223 -14.05 -4.84 10.42
C ARG B 223 -14.28 -5.25 11.84
N ALA B 224 -15.46 -4.92 12.35
CA ALA B 224 -15.85 -5.32 13.70
C ALA B 224 -15.77 -6.86 13.84
N PRO B 225 -15.54 -7.36 15.06
CA PRO B 225 -15.44 -8.80 15.30
C PRO B 225 -16.65 -9.58 14.84
N GLU B 226 -17.85 -9.08 15.13
CA GLU B 226 -19.09 -9.75 14.73
C GLU B 226 -19.23 -9.84 13.19
N LEU B 227 -18.67 -8.88 12.47
CA LEU B 227 -18.72 -8.86 11.01
C LEU B 227 -17.73 -9.88 10.45
N ILE B 228 -16.59 -10.03 11.14
CA ILE B 228 -15.61 -11.01 10.75
C ILE B 228 -16.19 -12.41 10.89
N LEU B 229 -16.95 -12.61 11.96
CA LEU B 229 -17.61 -13.89 12.26
C LEU B 229 -18.93 -14.09 11.51
N LEU B 230 -19.23 -13.19 10.57
CA LEU B 230 -20.35 -13.37 9.62
C LEU B 230 -21.70 -13.52 10.32
N GLN B 231 -21.88 -12.83 11.44
CA GLN B 231 -23.15 -12.86 12.15
C GLN B 231 -24.15 -12.08 11.30
N GLU B 232 -25.20 -12.73 10.81
CA GLU B 232 -26.12 -12.08 9.88
C GLU B 232 -26.60 -10.72 10.41
N ASN B 233 -26.85 -10.66 11.74
CA ASN B 233 -27.47 -9.50 12.40
C ASN B 233 -26.41 -8.56 12.97
N TYR B 234 -26.52 -7.28 12.62
CA TYR B 234 -25.61 -6.26 13.15
C TYR B 234 -26.16 -4.85 13.03
N THR B 235 -25.63 -3.96 13.86
CA THR B 235 -26.14 -2.59 13.95
C THR B 235 -25.11 -1.57 13.49
N ASN B 236 -25.47 -0.29 13.59
CA ASN B 236 -24.56 0.78 13.22
C ASN B 236 -23.23 0.72 13.97
N SER B 237 -23.20 -0.06 15.04
CA SER B 237 -22.05 -0.15 15.90
C SER B 237 -20.82 -0.69 15.17
N ILE B 238 -21.04 -1.37 14.04
CA ILE B 238 -19.94 -1.83 13.21
C ILE B 238 -19.17 -0.62 12.65
N ASP B 239 -19.89 0.41 12.21
CA ASP B 239 -19.26 1.68 11.80
C ASP B 239 -18.48 2.34 12.92
N ILE B 240 -18.95 2.15 14.16
CA ILE B 240 -18.33 2.75 15.32
C ILE B 240 -17.02 2.03 15.59
N TRP B 241 -17.02 0.71 15.44
CA TRP B 241 -15.78 -0.04 15.58
C TRP B 241 -14.73 0.50 14.63
N SER B 242 -15.13 0.64 13.37
CA SER B 242 -14.21 1.07 12.33
C SER B 242 -13.66 2.42 12.66
N THR B 243 -14.53 3.26 13.19
CA THR B 243 -14.18 4.60 13.62
C THR B 243 -13.13 4.54 14.70
N GLY B 244 -13.24 3.53 15.58
CA GLY B 244 -12.24 3.31 16.62
C GLY B 244 -10.85 3.06 16.01
N CYS B 245 -10.82 2.14 15.07
CA CYS B 245 -9.62 1.86 14.30
C CYS B 245 -9.06 3.13 13.62
N ILE B 246 -9.91 3.86 12.92
CA ILE B 246 -9.44 5.06 12.24
C ILE B 246 -8.92 6.08 13.27
N PHE B 247 -9.50 6.05 14.47
CA PHE B 247 -9.13 6.99 15.54
C PHE B 247 -7.71 6.71 16.00
N ALA B 248 -7.32 5.43 16.10
CA ALA B 248 -5.95 5.09 16.51
C ALA B 248 -4.91 5.66 15.52
N GLU B 249 -5.22 5.61 14.24
CA GLU B 249 -4.30 6.10 13.25
C GLU B 249 -4.32 7.62 13.20
N LEU B 250 -5.44 8.25 13.54
CA LEU B 250 -5.38 9.73 13.70
C LEU B 250 -4.48 10.07 14.87
N LEU B 251 -4.57 9.27 15.93
CA LEU B 251 -3.70 9.46 17.09
C LEU B 251 -2.21 9.21 16.78
N ASN B 252 -1.92 8.41 15.76
CA ASN B 252 -0.55 8.16 15.32
C ASN B 252 0.07 9.42 14.71
N MET B 253 -0.78 10.37 14.30
CA MET B 253 -0.30 11.59 13.64
C MET B 253 0.27 12.64 14.55
N MET B 254 0.19 12.42 15.86
CA MET B 254 0.73 13.34 16.84
C MET B 254 2.19 13.00 17.07
N LYS B 255 3.08 13.99 16.88
CA LYS B 255 4.52 13.79 17.11
C LYS B 255 4.83 13.16 18.44
N SER B 256 4.07 13.50 19.48
CA SER B 256 4.36 12.99 20.81
C SER B 256 4.05 11.50 21.00
N HIS B 257 3.39 10.89 20.02
CA HIS B 257 3.07 9.44 20.05
C HIS B 257 4.02 8.65 19.16
N ILE B 258 4.22 9.17 17.95
CA ILE B 258 5.12 8.58 16.97
C ILE B 258 6.00 9.71 16.43
N ASN B 259 7.28 9.64 16.75
CA ASN B 259 8.22 10.73 16.46
C ASN B 259 8.69 10.77 15.02
N ASN B 260 8.56 9.64 14.30
CA ASN B 260 9.03 9.52 12.92
C ASN B 260 7.88 9.08 12.03
N PRO B 261 7.42 9.95 11.11
CA PRO B 261 6.19 9.64 10.36
C PRO B 261 6.26 8.44 9.42
N THR B 262 7.38 7.73 9.36
CA THR B 262 7.43 6.47 8.65
C THR B 262 6.84 5.30 9.47
N ASN B 263 6.74 5.44 10.80
CA ASN B 263 6.40 4.31 11.68
C ASN B 263 4.94 4.29 12.16
N ARG B 264 4.04 4.85 11.36
CA ARG B 264 2.59 4.85 11.64
C ARG B 264 1.94 3.56 11.12
N PHE B 265 1.41 2.71 12.00
CA PHE B 265 0.72 1.47 11.56
C PHE B 265 -0.72 1.41 11.99
N PRO B 266 -1.58 0.75 11.22
CA PRO B 266 -2.92 0.53 11.71
C PRO B 266 -2.90 -0.33 12.96
N LEU B 267 -3.90 -0.14 13.79
CA LEU B 267 -4.02 -0.83 15.05
C LEU B 267 -4.30 -2.34 14.90
N PHE B 268 -5.01 -2.74 13.85
CA PHE B 268 -5.31 -4.18 13.65
C PHE B 268 -4.91 -4.75 12.27
N PRO B 269 -3.61 -4.65 11.90
CA PRO B 269 -3.13 -5.16 10.61
C PRO B 269 -2.83 -6.65 10.73
N GLY B 270 -3.87 -7.45 10.89
CA GLY B 270 -3.70 -8.86 11.20
C GLY B 270 -3.70 -9.72 9.96
N SER B 271 -4.63 -9.45 9.06
CA SER B 271 -4.86 -10.30 7.92
C SER B 271 -4.16 -9.79 6.68
N SER B 272 -3.84 -10.74 5.79
CA SER B 272 -3.36 -10.47 4.44
C SER B 272 -4.47 -9.82 3.63
N CYS B 273 -4.13 -8.89 2.76
CA CYS B 273 -5.15 -8.24 1.95
C CYS B 273 -5.23 -8.86 0.55
N PHE B 274 -4.38 -9.85 0.29
CA PHE B 274 -4.28 -10.43 -1.03
C PHE B 274 -4.93 -11.80 -1.08
N PRO B 275 -5.46 -12.18 -2.25
CA PRO B 275 -5.98 -13.57 -2.40
C PRO B 275 -4.93 -14.70 -2.31
N HIS B 286 -12.52 -16.58 4.20
CA HIS B 286 -11.51 -17.62 4.42
C HIS B 286 -11.21 -17.74 5.90
N GLU B 287 -10.79 -18.94 6.31
CA GLU B 287 -10.64 -19.28 7.72
C GLU B 287 -9.33 -18.74 8.30
N LYS B 288 -8.27 -18.74 7.49
CA LYS B 288 -6.95 -18.21 7.90
C LYS B 288 -7.00 -16.69 8.10
N SER B 289 -7.68 -15.98 7.20
CA SER B 289 -7.86 -14.53 7.32
C SER B 289 -8.61 -14.15 8.57
N ASN B 290 -9.75 -14.82 8.79
CA ASN B 290 -10.57 -14.54 9.95
C ASN B 290 -9.82 -14.76 11.23
N ARG B 291 -9.12 -15.90 11.28
CA ARG B 291 -8.38 -16.31 12.45
C ARG B 291 -7.29 -15.29 12.74
N ASP B 292 -6.56 -14.85 11.72
CA ASP B 292 -5.47 -13.87 11.93
C ASP B 292 -6.01 -12.52 12.39
N GLN B 293 -7.19 -12.13 11.92
CA GLN B 293 -7.74 -10.82 12.27
C GLN B 293 -8.23 -10.77 13.72
N LEU B 294 -9.00 -11.77 14.16
CA LEU B 294 -9.43 -11.85 15.55
C LEU B 294 -8.24 -11.95 16.48
N ASN B 295 -7.30 -12.79 16.09
CA ASN B 295 -6.09 -12.94 16.87
C ASN B 295 -5.44 -11.59 17.16
N ILE B 296 -5.22 -10.79 16.13
CA ILE B 296 -4.63 -9.49 16.37
C ILE B 296 -5.60 -8.59 17.18
N ILE B 297 -6.90 -8.70 16.93
CA ILE B 297 -7.85 -7.93 17.70
C ILE B 297 -7.71 -8.28 19.18
N PHE B 298 -7.70 -9.58 19.48
CA PHE B 298 -7.56 -10.07 20.86
C PHE B 298 -6.21 -9.71 21.48
N ASN B 299 -5.13 -9.69 20.68
CA ASN B 299 -3.83 -9.23 21.22
C ASN B 299 -3.83 -7.77 21.66
N VAL B 300 -4.76 -6.96 21.14
CA VAL B 300 -4.86 -5.57 21.55
C VAL B 300 -5.86 -5.37 22.69
N ILE B 301 -7.08 -5.89 22.55
CA ILE B 301 -8.09 -5.69 23.59
C ILE B 301 -8.29 -6.89 24.51
N GLY B 302 -7.50 -7.95 24.34
CA GLY B 302 -7.63 -9.15 25.15
C GLY B 302 -8.84 -9.95 24.74
N THR B 303 -8.81 -11.26 24.99
CA THR B 303 -9.97 -12.11 24.72
C THR B 303 -11.16 -11.66 25.54
N PRO B 304 -12.38 -12.00 25.10
CA PRO B 304 -13.55 -11.56 25.85
C PRO B 304 -13.78 -12.41 27.11
N PRO B 305 -14.26 -11.78 28.18
CA PRO B 305 -14.80 -12.56 29.28
C PRO B 305 -16.25 -12.99 29.00
N GLU B 306 -16.74 -13.99 29.72
CA GLU B 306 -18.08 -14.55 29.47
C GLU B 306 -19.18 -13.48 29.26
N GLU B 307 -19.16 -12.43 30.07
CA GLU B 307 -20.18 -11.37 29.96
C GLU B 307 -20.09 -10.51 28.68
N ASP B 308 -19.02 -10.66 27.91
CA ASP B 308 -18.96 -10.04 26.57
C ASP B 308 -19.44 -10.98 25.45
N LEU B 309 -19.61 -12.27 25.77
CA LEU B 309 -20.12 -13.27 24.83
C LEU B 309 -21.66 -13.30 24.72
N LYS B 310 -22.32 -12.23 25.16
CA LYS B 310 -23.77 -12.12 25.11
C LYS B 310 -24.24 -11.76 23.71
N THR B 313 -24.87 -15.54 20.11
CA THR B 313 -25.98 -16.48 20.24
C THR B 313 -25.68 -17.90 19.72
N LYS B 314 -25.08 -18.00 18.53
CA LYS B 314 -24.75 -19.32 17.96
C LYS B 314 -23.60 -19.96 18.74
N GLN B 315 -23.84 -21.18 19.23
CA GLN B 315 -22.91 -21.83 20.16
C GLN B 315 -21.62 -22.27 19.48
N GLU B 316 -21.68 -22.54 18.18
CA GLU B 316 -20.49 -22.90 17.40
C GLU B 316 -19.47 -21.76 17.33
N VAL B 317 -19.98 -20.52 17.42
CA VAL B 317 -19.15 -19.33 17.43
C VAL B 317 -18.56 -19.15 18.82
N ILE B 318 -19.34 -19.47 19.85
CA ILE B 318 -18.83 -19.39 21.21
C ILE B 318 -17.67 -20.39 21.37
N LYS B 319 -17.85 -21.59 20.84
CA LYS B 319 -16.81 -22.60 20.93
C LYS B 319 -15.55 -22.09 20.24
N TYR B 320 -15.74 -21.42 19.10
CA TYR B 320 -14.65 -20.99 18.26
C TYR B 320 -13.90 -19.85 18.94
N ILE B 321 -14.63 -18.87 19.45
CA ILE B 321 -14.03 -17.73 20.14
C ILE B 321 -13.34 -18.14 21.43
N LYS B 322 -13.97 -19.05 22.19
CA LYS B 322 -13.43 -19.51 23.48
C LYS B 322 -12.15 -20.32 23.31
N LEU B 323 -11.99 -20.97 22.16
CA LEU B 323 -10.78 -21.76 21.90
C LEU B 323 -9.54 -20.91 21.55
N PHE B 324 -9.69 -19.59 21.43
CA PHE B 324 -8.53 -18.72 21.37
C PHE B 324 -7.94 -18.64 22.78
N PRO B 325 -6.64 -18.90 22.92
CA PRO B 325 -6.04 -18.86 24.25
C PRO B 325 -6.29 -17.53 24.93
N THR B 326 -6.68 -17.57 26.20
CA THR B 326 -7.03 -16.34 26.92
C THR B 326 -5.83 -15.37 26.99
N ARG B 327 -6.06 -14.09 26.78
CA ARG B 327 -5.00 -13.11 27.04
C ARG B 327 -5.56 -11.72 27.34
N ASP B 328 -4.70 -10.89 27.90
CA ASP B 328 -5.11 -9.66 28.56
C ASP B 328 -5.16 -8.43 27.64
N GLY B 329 -4.43 -8.48 26.54
CA GLY B 329 -4.41 -7.33 25.65
C GLY B 329 -3.45 -6.29 26.17
N ILE B 330 -3.50 -5.09 25.59
CA ILE B 330 -2.57 -4.03 25.92
C ILE B 330 -3.20 -2.79 26.58
N ASP B 331 -2.33 -1.98 27.16
CA ASP B 331 -2.73 -0.74 27.81
C ASP B 331 -2.66 0.36 26.76
N LEU B 332 -3.81 0.63 26.13
CA LEU B 332 -3.91 1.68 25.11
C LEU B 332 -3.53 3.06 25.66
N SER B 333 -3.69 3.22 26.98
CA SER B 333 -3.22 4.40 27.72
C SER B 333 -1.70 4.63 27.59
N LYS B 334 -0.92 3.56 27.73
CA LYS B 334 0.54 3.60 27.58
C LYS B 334 0.96 3.85 26.14
N LYS B 335 0.21 3.26 25.21
CA LYS B 335 0.47 3.43 23.78
C LYS B 335 0.23 4.86 23.34
N TYR B 336 -0.87 5.45 23.79
CA TYR B 336 -1.23 6.82 23.42
C TYR B 336 -1.24 7.75 24.65
N SER B 337 -0.06 7.95 25.23
CA SER B 337 0.05 8.54 26.54
C SER B 337 -0.07 10.06 26.53
N SER B 338 -0.19 10.66 25.36
CA SER B 338 -0.13 12.11 25.23
C SER B 338 -1.52 12.73 25.17
N ILE B 339 -2.55 11.92 25.47
CA ILE B 339 -3.92 12.38 25.40
C ILE B 339 -4.61 11.91 26.66
N SER B 340 -5.66 12.63 27.04
CA SER B 340 -6.33 12.46 28.33
C SER B 340 -7.04 11.12 28.50
N LYS B 341 -7.43 10.80 29.73
CA LYS B 341 -8.17 9.55 30.02
C LYS B 341 -9.54 9.46 29.34
N GLU B 342 -10.05 10.62 28.91
CA GLU B 342 -11.34 10.67 28.27
C GLU B 342 -11.21 10.30 26.81
N GLY B 343 -10.20 10.87 26.16
CA GLY B 343 -9.77 10.43 24.84
C GLY B 343 -9.62 8.92 24.80
N ILE B 344 -8.81 8.38 25.70
CA ILE B 344 -8.63 6.94 25.79
C ILE B 344 -9.98 6.26 26.08
N ASP B 345 -10.82 6.86 26.91
CA ASP B 345 -12.15 6.28 27.19
C ASP B 345 -13.01 6.18 25.93
N LEU B 346 -12.89 7.19 25.07
CA LEU B 346 -13.63 7.24 23.84
C LEU B 346 -13.11 6.15 22.92
N LEU B 347 -11.79 6.09 22.75
CA LEU B 347 -11.15 5.09 21.91
C LEU B 347 -11.52 3.68 22.36
N GLU B 348 -11.33 3.40 23.64
CA GLU B 348 -11.64 2.08 24.17
C GLU B 348 -13.13 1.71 24.11
N SER B 349 -14.02 2.71 24.04
CA SER B 349 -15.46 2.45 24.01
C SER B 349 -15.96 2.11 22.62
N MET B 350 -15.33 2.72 21.62
CA MET B 350 -15.53 2.35 20.25
C MET B 350 -15.03 0.94 19.99
N LEU B 351 -14.01 0.47 20.72
CA LEU B 351 -13.40 -0.82 20.40
C LEU B 351 -13.81 -1.95 21.36
N ARG B 352 -15.04 -1.92 21.87
CA ARG B 352 -15.51 -3.02 22.71
C ARG B 352 -15.82 -4.20 21.83
N PHE B 353 -15.45 -5.40 22.28
CA PHE B 353 -15.79 -6.60 21.53
C PHE B 353 -17.31 -6.70 21.42
N ASN B 354 -17.99 -6.52 22.56
CA ASN B 354 -19.45 -6.61 22.63
C ASN B 354 -20.13 -5.41 21.94
N ALA B 355 -20.75 -5.68 20.80
CA ALA B 355 -21.47 -4.67 20.02
C ALA B 355 -22.48 -3.83 20.81
N GLN B 356 -23.15 -4.45 21.79
CA GLN B 356 -24.18 -3.73 22.53
C GLN B 356 -23.56 -2.78 23.57
N LYS B 357 -22.35 -3.08 24.04
CA LYS B 357 -21.67 -2.21 25.00
C LYS B 357 -20.83 -1.10 24.33
N ARG B 358 -20.71 -1.17 23.01
CA ARG B 358 -19.95 -0.18 22.22
C ARG B 358 -20.60 1.20 22.29
N ILE B 359 -19.79 2.24 22.38
CA ILE B 359 -20.34 3.59 22.45
C ILE B 359 -21.27 3.88 21.26
N THR B 360 -22.43 4.49 21.51
CA THR B 360 -23.33 4.86 20.43
C THR B 360 -22.80 6.15 19.82
N ILE B 361 -23.20 6.39 18.57
CA ILE B 361 -22.79 7.58 17.84
C ILE B 361 -23.15 8.86 18.61
N ASP B 362 -24.31 8.87 19.25
CA ASP B 362 -24.80 10.09 19.92
C ASP B 362 -23.97 10.39 21.15
N LYS B 363 -23.63 9.35 21.90
CA LYS B 363 -22.70 9.50 23.01
C LYS B 363 -21.30 9.93 22.53
N ALA B 364 -20.88 9.36 21.41
CA ALA B 364 -19.56 9.63 20.88
C ALA B 364 -19.45 11.09 20.54
N LEU B 365 -20.50 11.61 19.91
CA LEU B 365 -20.56 13.03 19.54
C LEU B 365 -20.68 13.94 20.76
N SER B 366 -21.30 13.43 21.83
CA SER B 366 -21.42 14.19 23.10
C SER B 366 -20.25 13.95 24.05
N HIS B 367 -19.31 13.10 23.64
CA HIS B 367 -18.28 12.66 24.56
C HIS B 367 -17.49 13.86 25.07
N PRO B 368 -17.14 13.84 26.37
CA PRO B 368 -16.35 14.91 26.98
C PRO B 368 -15.09 15.31 26.19
N TYR B 369 -14.50 14.35 25.48
CA TYR B 369 -13.26 14.57 24.74
C TYR B 369 -13.44 15.52 23.57
N LEU B 370 -14.64 15.54 23.01
CA LEU B 370 -14.92 16.32 21.81
C LEU B 370 -15.72 17.59 22.13
N LYS B 371 -15.94 17.83 23.42
CA LYS B 371 -16.57 19.07 23.85
C LYS B 371 -15.85 20.30 23.27
N ASP B 372 -14.53 20.25 23.22
CA ASP B 372 -13.73 21.36 22.63
C ASP B 372 -14.05 21.68 21.16
N VAL B 373 -14.46 20.68 20.39
CA VAL B 373 -14.66 20.88 18.94
C VAL B 373 -16.11 20.87 18.49
N ARG B 374 -16.99 20.28 19.26
CA ARG B 374 -18.39 20.21 18.85
C ARG B 374 -18.99 21.60 18.57
N LYS B 375 -19.80 21.69 17.53
CA LYS B 375 -20.56 22.88 17.21
C LYS B 375 -22.02 22.48 16.97
N GLU B 376 -22.64 21.94 18.01
CA GLU B 376 -24.01 21.43 17.94
C GLU B 376 -24.97 22.32 17.12
N ASN B 377 -24.88 23.64 17.30
CA ASN B 377 -25.76 24.55 16.56
C ASN B 377 -25.64 24.39 15.04
N LEU B 378 -24.43 24.07 14.55
CA LEU B 378 -24.19 23.88 13.12
C LEU B 378 -24.54 22.47 12.60
N GLU B 379 -24.68 21.50 13.49
CA GLU B 379 -24.97 20.13 13.10
C GLU B 379 -26.29 19.94 12.36
N ASN B 380 -26.20 19.49 11.10
CA ASN B 380 -27.36 19.24 10.26
C ASN B 380 -27.57 17.77 9.93
N PHE B 381 -28.52 17.14 10.63
CA PHE B 381 -28.89 15.76 10.36
C PHE B 381 -30.26 15.64 9.69
N SER B 382 -30.67 16.71 9.00
CA SER B 382 -31.96 16.72 8.29
C SER B 382 -31.90 15.76 7.10
N THR B 383 -32.52 14.58 7.23
CA THR B 383 -32.52 13.57 6.16
C THR B 383 -33.88 12.86 6.03
N GLU B 384 -33.91 11.81 5.21
CA GLU B 384 -35.07 10.92 5.10
C GLU B 384 -34.53 9.51 4.98
N LYS B 385 -35.32 8.53 5.42
CA LYS B 385 -34.87 7.15 5.40
C LYS B 385 -34.77 6.68 3.96
N ILE B 386 -33.53 6.42 3.52
CA ILE B 386 -33.22 6.04 2.15
C ILE B 386 -33.99 4.79 1.76
N ILE B 387 -34.72 4.87 0.64
CA ILE B 387 -35.33 3.69 0.05
C ILE B 387 -34.61 3.38 -1.25
N LEU B 388 -34.06 2.16 -1.31
CA LEU B 388 -33.34 1.76 -2.50
C LEU B 388 -34.33 1.39 -3.60
N PRO B 389 -33.98 1.68 -4.87
CA PRO B 389 -34.83 1.34 -5.99
C PRO B 389 -34.79 -0.16 -6.34
N PHE B 390 -34.16 -0.96 -5.49
CA PHE B 390 -34.22 -2.42 -5.58
C PHE B 390 -34.12 -2.97 -4.17
N ASP B 391 -34.95 -3.95 -3.83
CA ASP B 391 -34.79 -4.61 -2.53
C ASP B 391 -33.43 -5.33 -2.52
N ASP B 392 -32.76 -5.29 -1.37
CA ASP B 392 -31.38 -5.73 -1.28
C ASP B 392 -31.22 -7.23 -1.42
N TRP B 393 -32.15 -8.01 -0.85
CA TRP B 393 -32.01 -9.47 -0.76
C TRP B 393 -32.11 -10.19 -2.11
N MET B 394 -32.88 -9.61 -3.04
CA MET B 394 -33.10 -10.21 -4.37
C MET B 394 -31.82 -10.27 -5.21
N VAL B 395 -31.66 -11.35 -5.98
CA VAL B 395 -30.48 -11.57 -6.80
C VAL B 395 -30.78 -11.24 -8.26
N LEU B 396 -30.40 -10.03 -8.67
CA LEU B 396 -30.85 -9.48 -9.93
C LEU B 396 -30.08 -10.06 -11.14
N SER B 397 -30.73 -10.06 -12.30
CA SER B 397 -30.12 -10.52 -13.54
C SER B 397 -29.38 -9.37 -14.24
N GLU B 398 -28.47 -9.73 -15.14
CA GLU B 398 -27.66 -8.73 -15.83
C GLU B 398 -28.55 -7.74 -16.56
N THR B 399 -29.72 -8.20 -16.95
CA THR B 399 -30.65 -7.37 -17.68
C THR B 399 -31.39 -6.42 -16.73
N GLN B 400 -31.66 -6.86 -15.52
CA GLN B 400 -32.26 -6.01 -14.48
C GLN B 400 -31.27 -5.02 -13.88
N LEU B 401 -30.08 -5.49 -13.52
CA LEU B 401 -29.00 -4.59 -13.12
C LEU B 401 -28.78 -3.46 -14.14
N ARG B 402 -28.77 -3.79 -15.42
CA ARG B 402 -28.41 -2.84 -16.47
C ARG B 402 -29.49 -1.79 -16.67
N TYR B 403 -30.74 -2.17 -16.40
CA TYR B 403 -31.87 -1.26 -16.48
C TYR B 403 -31.82 -0.29 -15.33
N ILE B 404 -31.53 -0.81 -14.14
CA ILE B 404 -31.42 0.03 -12.95
C ILE B 404 -30.28 1.07 -13.12
N PHE B 405 -29.10 0.64 -13.54
CA PHE B 405 -28.01 1.57 -13.84
C PHE B 405 -28.49 2.67 -14.77
N LEU B 406 -29.10 2.26 -15.89
CA LEU B 406 -29.57 3.20 -16.90
C LEU B 406 -30.65 4.14 -16.36
N LYS B 407 -31.45 3.63 -15.44
CA LYS B 407 -32.47 4.46 -14.81
C LYS B 407 -31.80 5.53 -13.92
N GLU B 408 -30.75 5.16 -13.18
CA GLU B 408 -30.02 6.13 -12.35
C GLU B 408 -29.32 7.17 -13.22
N ILE B 409 -28.81 6.73 -14.36
CA ILE B 409 -28.11 7.63 -15.28
C ILE B 409 -29.12 8.61 -15.88
N GLN B 410 -30.38 8.16 -16.00
CA GLN B 410 -31.43 8.99 -16.59
C GLN B 410 -31.77 10.11 -15.63
N SER B 411 -31.67 9.81 -14.35
CA SER B 411 -31.93 10.80 -13.31
C SER B 411 -30.98 11.98 -13.38
N PHE B 412 -29.87 11.84 -14.12
CA PHE B 412 -28.97 12.96 -14.40
C PHE B 412 -29.13 13.46 -15.81
N HIS B 413 -29.85 12.68 -16.62
CA HIS B 413 -30.09 12.97 -18.03
C HIS B 413 -31.48 12.48 -18.41
N ALA B 414 -32.46 13.39 -18.41
CA ALA B 414 -33.85 13.06 -18.75
C ALA B 414 -34.01 12.56 -20.21
N ASP B 415 -33.25 13.17 -21.12
CA ASP B 415 -33.22 12.82 -22.56
C ASP B 415 -32.82 11.36 -22.93
N LEU B 416 -32.06 10.69 -22.07
CA LEU B 416 -31.64 9.30 -22.33
C LEU B 416 -32.84 8.40 -22.56
N ILE B 417 -32.90 7.77 -23.74
CA ILE B 417 -33.94 6.78 -24.04
C ILE B 417 -33.45 5.38 -23.70
N ILE B 418 -34.20 4.66 -22.90
CA ILE B 418 -33.88 3.28 -22.57
C ILE B 418 -34.12 2.40 -23.80
N PRO B 419 -33.11 1.60 -24.17
CA PRO B 419 -33.35 0.63 -25.25
C PRO B 419 -34.59 -0.21 -24.94
N ALA B 420 -35.52 -0.28 -25.89
CA ALA B 420 -36.81 -0.96 -25.68
C ALA B 420 -36.64 -2.43 -25.27
N LYS B 421 -35.55 -3.05 -25.71
CA LYS B 421 -35.20 -4.42 -25.29
C LYS B 421 -34.94 -4.53 -23.80
N LEU B 422 -34.47 -3.43 -23.19
CA LEU B 422 -34.18 -3.40 -21.75
C LEU B 422 -35.34 -2.85 -20.95
N ASN B 423 -36.23 -2.10 -21.58
CA ASN B 423 -37.31 -1.45 -20.84
C ASN B 423 -38.20 -2.48 -20.15
N ILE B 424 -38.68 -2.14 -18.95
CA ILE B 424 -39.55 -3.03 -18.19
C ILE B 424 -40.67 -2.19 -17.59
N HIS B 425 -41.88 -2.32 -18.11
CA HIS B 425 -43.03 -1.57 -17.60
C HIS B 425 -43.43 -2.00 -16.19
N GLN B 426 -43.38 -3.30 -15.94
CA GLN B 426 -43.69 -3.88 -14.62
C GLN B 426 -42.47 -4.66 -14.14
N LYS B 427 -41.74 -4.06 -13.20
CA LYS B 427 -40.52 -4.66 -12.63
C LYS B 427 -40.89 -5.49 -11.41
N SER B 428 -40.03 -6.44 -11.05
CA SER B 428 -40.25 -7.38 -9.94
C SER B 428 -39.48 -7.00 -8.67
N PHE B 429 -38.57 -6.05 -8.79
CA PHE B 429 -37.74 -5.61 -7.66
C PHE B 429 -38.23 -4.28 -7.08
#